data_7POR
#
_entry.id   7POR
#
_cell.length_a   142.000
_cell.length_b   64.200
_cell.length_c   115.460
_cell.angle_alpha   90.000
_cell.angle_beta   102.270
_cell.angle_gamma   90.000
#
_symmetry.space_group_name_H-M   'C 1 2 1'
#
loop_
_entity.id
_entity.type
_entity.pdbx_description
1 polymer 'Phosphatidylinositol 4,5-bisphosphate 3-kinase catalytic subunit delta isoform'
2 non-polymer ~{N}-[2-[2-fluoranyl-4-[(4-propan-2-ylpiperazin-1-yl)methyl]phenyl]pyridin-4-yl]-2-methoxy-5-morpholin-4-yl-pyridine-3-sulfonamide
3 water water
#
_entity_poly.entity_id   1
_entity_poly.type   'polypeptide(L)'
_entity_poly.pdbx_seq_one_letter_code
;GGDRVKKLINSQISLLIGKGLHEFDSLRDPEVNDFRTKMRQFCEEAAAHRQQLGWVEWLQYSFPLQLEPSARGWRAGLLR
VSNRALLVNVKFEGSEESFTFQVSTKDMPLALMACALRKKATVFRQPLVEQPEEYALQVNGRHEYLYGNYPLCHFQYICS
CLHSGLTPHLTMVHSSSILAMRDEQSNPAPQVQKPRAKPPPIPAKKPSSVSLWSLEQPFSIELIEGRKVNADERMKLVVQ
AGLFHGNEMLCKTVSSSEVNVCSEPVWKQRLEFDISVCDLPRMARLCFALYAVVEKAKKARSTKKKSKKADCPIAWANLM
LFDYKDQLKTGERCLYMWPSVPDEKGELLNPAGTVRGNPNTESAAALVIYLPEVAPHPVYFPALEKILELGRHGERGRIT
EEEQLQLREILERRGSGELYEHEKDLVWKMRHEVQEHFPEALARLLLVTKWNKHEDVAQMLYLLCSWPELPVLSALELLD
FSFPDCYVGSFAIKSLRKLTDDELFQYLLQLVQVLKYESYLDCELTKFLLGRALANRKIGHFLFWHLRSEMHVPSVALRF
GLIMEAYCRGSTHHMKVLMKQGEALSKLKALNDFVKVSSQKTTKPQTKEMMHMCMRQETYMEALSHLQSPLDPSTLLEEV
CVEQCTFMDSKMKPLWIMYSSEEAGSAGNVGIIFKNGDDLRQDMLTLQMIQLMDVLWKQEGLDLRMTPYGCLPTGDRTGL
IEVVLHSDTIANIQLNKSNMAATAAFNKDALLNWLKSKNPGEALDRAIEEFTLSCAGYCVATYVLGIGDRHSDNIMIRES
GQLFHIDFGHFLGNFKTKFGINRERVPFILTYDFVHVIQQGKTNNSEKFERFRGYCERAYTILRRHGLLFLHLFALMRAA
GLPELSCSKDIQYLKDSLALGKTEEEALKHFRVKFNEALRESWKTKVNWLAHNVSKDNRQ
;
_entity_poly.pdbx_strand_id   A
#
loop_
_chem_comp.id
_chem_comp.type
_chem_comp.name
_chem_comp.formula
7XH non-polymer ~{N}-[2-[2-fluoranyl-4-[(4-propan-2-ylpiperazin-1-yl)methyl]phenyl]pyridin-4-yl]-2-methoxy-5-morpholin-4-yl-pyridine-3-sulfonamide 'C29 H37 F N6 O4 S'
#
# COMPACT_ATOMS: atom_id res chain seq x y z
N ARG A 4 6.90 -34.22 -14.03
CA ARG A 4 8.02 -33.57 -14.74
C ARG A 4 7.87 -32.04 -14.69
N VAL A 5 6.66 -31.56 -15.01
CA VAL A 5 6.38 -30.14 -15.06
C VAL A 5 5.99 -29.59 -13.67
N LYS A 6 5.34 -30.43 -12.86
CA LYS A 6 4.97 -30.06 -11.50
C LYS A 6 6.23 -29.82 -10.66
N LYS A 7 7.24 -30.70 -10.83
CA LYS A 7 8.51 -30.61 -10.11
C LYS A 7 9.23 -29.33 -10.51
N LEU A 8 9.25 -29.02 -11.82
CA LEU A 8 9.87 -27.80 -12.32
C LEU A 8 9.15 -26.57 -11.73
N ILE A 9 7.83 -26.53 -11.80
CA ILE A 9 7.04 -25.41 -11.30
C ILE A 9 7.29 -25.17 -9.81
N ASN A 10 7.32 -26.24 -8.99
CA ASN A 10 7.60 -26.16 -7.56
C ASN A 10 8.97 -25.54 -7.32
N SER A 11 9.97 -25.89 -8.12
CA SER A 11 11.31 -25.33 -7.95
C SER A 11 11.34 -23.83 -8.36
N GLN A 12 10.53 -23.43 -9.33
CA GLN A 12 10.43 -22.05 -9.76
C GLN A 12 9.73 -21.21 -8.72
N ILE A 13 8.64 -21.75 -8.09
CA ILE A 13 7.93 -21.06 -7.00
C ILE A 13 8.89 -20.83 -5.85
N SER A 14 9.64 -21.86 -5.46
CA SER A 14 10.65 -21.78 -4.40
C SER A 14 11.68 -20.67 -4.60
N LEU A 15 12.28 -20.59 -5.79
CA LEU A 15 13.26 -19.55 -6.12
C LEU A 15 12.60 -18.17 -6.15
N LEU A 16 11.40 -18.07 -6.77
CA LEU A 16 10.66 -16.80 -6.91
C LEU A 16 10.26 -16.21 -5.55
N ILE A 17 9.65 -17.03 -4.68
CA ILE A 17 9.20 -16.55 -3.36
C ILE A 17 10.33 -16.44 -2.33
N GLY A 18 11.52 -16.96 -2.64
CA GLY A 18 12.64 -16.88 -1.71
C GLY A 18 12.59 -17.84 -0.54
N LYS A 19 11.85 -18.95 -0.69
CA LYS A 19 11.73 -19.97 0.35
C LYS A 19 11.30 -21.31 -0.28
N GLY A 20 12.08 -22.37 -0.05
CA GLY A 20 11.75 -23.68 -0.59
C GLY A 20 10.42 -24.19 -0.08
N LEU A 21 9.58 -24.77 -0.96
CA LEU A 21 8.26 -25.27 -0.55
C LEU A 21 8.37 -26.46 0.41
N HIS A 22 9.51 -27.18 0.38
CA HIS A 22 9.78 -28.34 1.26
C HIS A 22 9.70 -27.91 2.72
N GLU A 23 10.09 -26.64 3.02
CA GLU A 23 10.05 -26.05 4.35
C GLU A 23 8.64 -25.94 4.89
N PHE A 24 7.64 -25.76 4.01
CA PHE A 24 6.24 -25.71 4.39
C PHE A 24 5.84 -27.11 4.86
N ASP A 25 6.19 -28.15 4.06
CA ASP A 25 5.91 -29.55 4.34
C ASP A 25 6.57 -30.02 5.64
N SER A 26 7.81 -29.57 5.89
CA SER A 26 8.60 -29.94 7.07
C SER A 26 8.06 -29.44 8.39
N LEU A 27 7.10 -28.52 8.39
CA LEU A 27 6.49 -28.02 9.62
C LEU A 27 5.47 -29.00 10.18
N ARG A 28 4.96 -29.96 9.35
CA ARG A 28 3.94 -30.95 9.69
C ARG A 28 2.77 -30.26 10.38
N ASP A 29 2.40 -29.09 9.87
CA ASP A 29 1.39 -28.24 10.45
C ASP A 29 0.08 -28.39 9.70
N PRO A 30 -0.94 -29.00 10.35
CA PRO A 30 -2.23 -29.16 9.67
C PRO A 30 -2.82 -27.89 9.06
N GLU A 31 -2.70 -26.75 9.76
CA GLU A 31 -3.23 -25.46 9.29
C GLU A 31 -2.56 -25.00 8.00
N VAL A 32 -1.24 -25.16 7.94
CA VAL A 32 -0.44 -24.82 6.78
C VAL A 32 -0.86 -25.71 5.60
N ASN A 33 -1.03 -27.03 5.84
CA ASN A 33 -1.42 -28.00 4.81
C ASN A 33 -2.80 -27.72 4.27
N ASP A 34 -3.74 -27.38 5.14
CA ASP A 34 -5.10 -27.08 4.73
C ASP A 34 -5.19 -25.74 3.98
N PHE A 35 -4.27 -24.79 4.29
CA PHE A 35 -4.21 -23.52 3.56
C PHE A 35 -3.75 -23.83 2.16
N ARG A 36 -2.65 -24.55 2.02
CA ARG A 36 -2.09 -24.86 0.72
C ARG A 36 -3.06 -25.63 -0.18
N THR A 37 -3.78 -26.61 0.36
CA THR A 37 -4.72 -27.40 -0.43
C THR A 37 -5.92 -26.55 -0.87
N LYS A 38 -6.56 -25.87 0.08
CA LYS A 38 -7.74 -25.07 -0.21
C LYS A 38 -7.40 -23.92 -1.15
N MET A 39 -6.26 -23.22 -0.91
CA MET A 39 -5.91 -22.08 -1.75
C MET A 39 -5.36 -22.50 -3.09
N ARG A 40 -4.73 -23.67 -3.20
CA ARG A 40 -4.28 -24.16 -4.52
C ARG A 40 -5.52 -24.42 -5.41
N GLN A 41 -6.57 -25.03 -4.83
CA GLN A 41 -7.81 -25.34 -5.51
C GLN A 41 -8.51 -24.06 -5.88
N PHE A 42 -8.65 -23.13 -4.92
CA PHE A 42 -9.27 -21.84 -5.21
C PHE A 42 -8.54 -21.07 -6.33
N CYS A 43 -7.20 -21.12 -6.36
CA CYS A 43 -6.45 -20.38 -7.39
C CYS A 43 -6.45 -21.08 -8.76
N GLU A 44 -6.54 -22.42 -8.77
CA GLU A 44 -6.61 -23.17 -10.03
C GLU A 44 -7.94 -22.97 -10.74
N GLU A 45 -9.04 -22.83 -9.96
CA GLU A 45 -10.36 -22.54 -10.50
C GLU A 45 -10.34 -21.17 -11.17
N ALA A 46 -9.69 -20.18 -10.51
CA ALA A 46 -9.54 -18.83 -11.04
C ALA A 46 -8.78 -18.87 -12.37
N ALA A 47 -7.69 -19.63 -12.44
CA ALA A 47 -6.91 -19.80 -13.66
C ALA A 47 -7.73 -20.40 -14.80
N ALA A 48 -8.54 -21.45 -14.53
CA ALA A 48 -9.37 -22.11 -15.53
C ALA A 48 -10.44 -21.15 -16.05
N HIS A 49 -11.07 -20.38 -15.17
CA HIS A 49 -12.06 -19.37 -15.55
C HIS A 49 -11.45 -18.32 -16.47
N ARG A 50 -10.20 -17.95 -16.23
CA ARG A 50 -9.51 -16.94 -16.99
C ARG A 50 -9.14 -17.41 -18.39
N GLN A 51 -8.75 -18.68 -18.52
CA GLN A 51 -8.31 -19.21 -19.81
C GLN A 51 -9.41 -19.29 -20.88
N GLN A 52 -10.67 -19.16 -20.47
CA GLN A 52 -11.79 -19.18 -21.38
C GLN A 52 -12.49 -17.81 -21.50
N LEU A 53 -11.98 -16.76 -20.81
CA LEU A 53 -12.54 -15.41 -20.88
C LEU A 53 -12.63 -14.96 -22.34
N GLY A 54 -13.55 -14.05 -22.62
CA GLY A 54 -13.61 -13.48 -23.96
C GLY A 54 -12.38 -12.61 -24.21
N TRP A 55 -12.11 -12.25 -25.47
CA TRP A 55 -10.92 -11.47 -25.78
C TRP A 55 -10.93 -10.03 -25.12
N VAL A 56 -12.09 -9.37 -25.01
CA VAL A 56 -12.18 -8.08 -24.33
C VAL A 56 -12.04 -8.27 -22.80
N GLU A 57 -12.62 -9.33 -22.24
CA GLU A 57 -12.47 -9.66 -20.83
C GLU A 57 -11.05 -10.02 -20.47
N TRP A 58 -10.33 -10.64 -21.41
CA TRP A 58 -8.94 -10.98 -21.21
C TRP A 58 -8.07 -9.71 -21.25
N LEU A 59 -8.43 -8.71 -22.04
CA LEU A 59 -7.76 -7.40 -22.07
C LEU A 59 -8.02 -6.73 -20.69
N GLN A 60 -9.24 -6.86 -20.12
CA GLN A 60 -9.55 -6.31 -18.80
C GLN A 60 -8.74 -7.00 -17.71
N TYR A 61 -8.44 -8.31 -17.88
CA TYR A 61 -7.64 -9.02 -16.91
C TYR A 61 -6.18 -8.51 -16.95
N SER A 62 -5.62 -8.52 -18.14
CA SER A 62 -4.20 -8.37 -18.35
C SER A 62 -3.72 -6.94 -18.55
N PHE A 63 -4.57 -6.08 -19.10
CA PHE A 63 -4.25 -4.72 -19.38
C PHE A 63 -5.42 -3.88 -18.84
N PRO A 64 -5.65 -3.84 -17.51
CA PRO A 64 -6.79 -3.04 -17.01
C PRO A 64 -6.70 -1.59 -17.43
N LEU A 65 -7.82 -0.99 -17.78
CA LEU A 65 -7.84 0.37 -18.26
C LEU A 65 -7.26 1.39 -17.27
N GLN A 66 -6.46 2.33 -17.78
CA GLN A 66 -5.87 3.39 -16.98
C GLN A 66 -6.64 4.65 -17.31
N LEU A 67 -7.69 4.93 -16.54
CA LEU A 67 -8.55 6.10 -16.76
C LEU A 67 -8.21 7.30 -15.87
N GLU A 68 -8.53 8.49 -16.33
CA GLU A 68 -8.36 9.71 -15.56
C GLU A 68 -9.29 9.68 -14.36
N PRO A 69 -8.78 10.06 -13.16
CA PRO A 69 -9.64 10.03 -11.96
C PRO A 69 -11.03 10.68 -12.10
N SER A 70 -11.13 11.79 -12.85
CA SER A 70 -12.41 12.49 -13.06
C SER A 70 -13.42 11.67 -13.88
N ALA A 71 -12.93 10.76 -14.73
CA ALA A 71 -13.76 9.90 -15.57
C ALA A 71 -14.17 8.58 -14.89
N ARG A 72 -13.83 8.38 -13.60
CA ARG A 72 -14.12 7.11 -12.94
C ARG A 72 -15.51 7.03 -12.31
N GLY A 73 -16.10 5.83 -12.34
CA GLY A 73 -17.43 5.61 -11.79
C GLY A 73 -18.54 6.07 -12.71
N ASN A 83 -14.91 18.44 -29.38
CA ASN A 83 -14.50 19.57 -28.53
C ASN A 83 -13.10 20.06 -28.88
N ARG A 84 -12.04 19.21 -28.74
CA ARG A 84 -10.68 19.66 -29.03
C ARG A 84 -9.98 18.77 -30.07
N ALA A 85 -9.14 19.39 -30.92
CA ALA A 85 -8.41 18.67 -31.96
C ALA A 85 -7.22 17.88 -31.38
N LEU A 86 -6.98 16.69 -31.92
CA LEU A 86 -5.94 15.80 -31.45
C LEU A 86 -5.30 15.03 -32.59
N LEU A 87 -3.99 15.18 -32.80
CA LEU A 87 -3.30 14.40 -33.81
C LEU A 87 -2.96 13.05 -33.18
N VAL A 88 -3.16 11.94 -33.92
CA VAL A 88 -2.89 10.61 -33.42
C VAL A 88 -2.15 9.79 -34.50
N ASN A 89 -1.11 9.03 -34.12
CA ASN A 89 -0.42 8.15 -35.05
C ASN A 89 -0.91 6.71 -34.81
N VAL A 90 -1.36 6.02 -35.85
CA VAL A 90 -1.87 4.66 -35.75
C VAL A 90 -1.21 3.73 -36.75
N LYS A 91 -0.71 2.60 -36.28
CA LYS A 91 -0.16 1.58 -37.17
C LYS A 91 -0.92 0.26 -36.94
N PHE A 92 -0.70 -0.74 -37.79
CA PHE A 92 -1.27 -2.06 -37.59
C PHE A 92 -0.11 -2.98 -37.06
N GLU A 93 -0.44 -4.11 -36.43
CA GLU A 93 0.55 -4.98 -35.78
C GLU A 93 1.75 -5.47 -36.64
N GLY A 94 1.49 -6.06 -37.80
CA GLY A 94 2.58 -6.57 -38.64
C GLY A 94 3.05 -5.56 -39.66
N SER A 95 3.02 -4.26 -39.31
CA SER A 95 3.34 -3.22 -40.27
C SER A 95 4.32 -2.18 -39.80
N GLU A 96 5.12 -1.69 -40.72
CA GLU A 96 6.05 -0.58 -40.48
C GLU A 96 5.35 0.76 -40.85
N GLU A 97 4.34 0.71 -41.76
CA GLU A 97 3.56 1.84 -42.21
C GLU A 97 2.69 2.38 -41.07
N SER A 98 2.54 3.70 -41.02
CA SER A 98 1.74 4.35 -40.01
C SER A 98 0.86 5.47 -40.61
N PHE A 99 -0.24 5.79 -39.95
CA PHE A 99 -1.15 6.82 -40.41
C PHE A 99 -1.36 7.86 -39.35
N THR A 100 -0.98 9.10 -39.65
CA THR A 100 -1.22 10.20 -38.72
C THR A 100 -2.49 10.89 -39.16
N PHE A 101 -3.46 11.01 -38.24
CA PHE A 101 -4.73 11.65 -38.54
C PHE A 101 -5.28 12.41 -37.35
N GLN A 102 -6.16 13.37 -37.62
CA GLN A 102 -6.73 14.18 -36.57
C GLN A 102 -8.06 13.60 -36.13
N VAL A 103 -8.24 13.53 -34.82
CA VAL A 103 -9.46 13.07 -34.16
C VAL A 103 -9.84 14.13 -33.09
N SER A 104 -10.97 13.96 -32.43
CA SER A 104 -11.38 14.82 -31.34
C SER A 104 -11.11 14.08 -30.04
N THR A 105 -10.74 14.84 -28.99
CA THR A 105 -10.55 14.28 -27.65
C THR A 105 -11.85 13.59 -27.15
N LYS A 106 -13.02 14.01 -27.66
CA LYS A 106 -14.30 13.40 -27.28
C LYS A 106 -14.68 12.18 -28.11
N ASP A 107 -13.86 11.82 -29.13
CA ASP A 107 -14.13 10.63 -29.93
C ASP A 107 -13.87 9.38 -29.09
N MET A 108 -14.54 8.30 -29.41
CA MET A 108 -14.36 7.04 -28.71
C MET A 108 -13.36 6.17 -29.47
N PRO A 109 -12.67 5.20 -28.80
CA PRO A 109 -11.69 4.37 -29.51
C PRO A 109 -12.21 3.75 -30.81
N LEU A 110 -13.49 3.31 -30.81
CA LEU A 110 -14.14 2.71 -31.96
C LEU A 110 -14.11 3.60 -33.20
N ALA A 111 -14.29 4.92 -33.03
CA ALA A 111 -14.26 5.85 -34.16
C ALA A 111 -12.84 5.97 -34.71
N LEU A 112 -11.84 5.97 -33.83
CA LEU A 112 -10.45 6.06 -34.20
C LEU A 112 -10.06 4.79 -34.96
N MET A 113 -10.53 3.62 -34.50
CA MET A 113 -10.26 2.36 -35.15
C MET A 113 -10.93 2.31 -36.52
N ALA A 114 -12.20 2.74 -36.63
CA ALA A 114 -12.89 2.77 -37.93
C ALA A 114 -12.17 3.70 -38.91
N CYS A 115 -11.61 4.80 -38.41
CA CYS A 115 -10.89 5.74 -39.25
C CYS A 115 -9.61 5.09 -39.77
N ALA A 116 -8.87 4.36 -38.91
CA ALA A 116 -7.64 3.67 -39.28
C ALA A 116 -7.92 2.57 -40.30
N LEU A 117 -9.06 1.87 -40.15
CA LEU A 117 -9.44 0.81 -41.07
C LEU A 117 -9.84 1.38 -42.45
N ARG A 118 -10.36 2.62 -42.51
CA ARG A 118 -10.69 3.23 -43.80
C ARG A 118 -9.40 3.60 -44.50
N LYS A 119 -8.44 4.19 -43.77
CA LYS A 119 -7.15 4.55 -44.32
C LYS A 119 -6.39 3.31 -44.82
N LYS A 120 -6.52 2.19 -44.12
CA LYS A 120 -5.88 0.95 -44.54
C LYS A 120 -6.59 0.36 -45.76
N ALA A 121 -7.92 0.45 -45.80
CA ALA A 121 -8.69 -0.07 -46.94
C ALA A 121 -8.40 0.68 -48.25
N THR A 122 -8.19 2.01 -48.18
CA THR A 122 -7.89 2.78 -49.38
C THR A 122 -6.44 2.65 -49.82
N VAL A 123 -5.52 2.46 -48.87
CA VAL A 123 -4.09 2.27 -49.20
C VAL A 123 -3.91 0.87 -49.80
N PHE A 124 -4.59 -0.15 -49.25
CA PHE A 124 -4.48 -1.51 -49.77
C PHE A 124 -5.50 -1.85 -50.87
N ARG A 125 -6.24 -0.84 -51.37
CA ARG A 125 -7.21 -0.94 -52.47
C ARG A 125 -8.22 -2.07 -52.30
N GLN A 126 -8.58 -2.39 -51.06
CA GLN A 126 -9.50 -3.48 -50.80
C GLN A 126 -10.46 -3.18 -49.68
N PRO A 127 -11.77 -3.34 -49.94
CA PRO A 127 -12.76 -3.16 -48.86
C PRO A 127 -12.55 -4.26 -47.82
N LEU A 128 -12.40 -3.89 -46.53
CA LEU A 128 -12.06 -4.86 -45.50
C LEU A 128 -13.21 -5.65 -44.88
N VAL A 129 -12.91 -6.91 -44.51
CA VAL A 129 -13.83 -7.80 -43.80
C VAL A 129 -13.83 -7.45 -42.29
N GLU A 130 -12.68 -6.96 -41.75
CA GLU A 130 -12.51 -6.57 -40.35
C GLU A 130 -13.26 -5.31 -39.97
N GLN A 131 -14.06 -5.42 -38.91
CA GLN A 131 -14.88 -4.36 -38.30
C GLN A 131 -14.08 -3.71 -37.15
N PRO A 132 -14.29 -2.41 -36.86
CA PRO A 132 -13.56 -1.79 -35.74
C PRO A 132 -13.79 -2.51 -34.40
N GLU A 133 -14.96 -3.13 -34.23
CA GLU A 133 -15.36 -3.93 -33.05
C GLU A 133 -14.41 -5.12 -32.76
N GLU A 134 -13.67 -5.57 -33.78
CA GLU A 134 -12.74 -6.70 -33.69
C GLU A 134 -11.37 -6.31 -33.15
N TYR A 135 -11.11 -5.02 -32.89
CA TYR A 135 -9.81 -4.53 -32.48
C TYR A 135 -9.75 -3.80 -31.11
N ALA A 136 -8.54 -3.68 -30.59
CA ALA A 136 -8.19 -2.86 -29.43
C ALA A 136 -6.92 -2.05 -29.81
N LEU A 137 -6.77 -0.87 -29.24
CA LEU A 137 -5.63 -0.02 -29.51
C LEU A 137 -4.57 -0.15 -28.44
N GLN A 138 -3.41 -0.70 -28.75
CA GLN A 138 -2.29 -0.79 -27.80
C GLN A 138 -1.48 0.51 -27.84
N VAL A 139 -1.07 1.03 -26.68
CA VAL A 139 -0.14 2.14 -26.62
C VAL A 139 1.23 1.54 -27.07
N ASN A 140 1.85 2.10 -28.11
CA ASN A 140 3.09 1.53 -28.68
C ASN A 140 4.18 1.23 -27.67
N GLY A 141 4.69 0.01 -27.71
CA GLY A 141 5.75 -0.46 -26.82
C GLY A 141 5.42 -0.51 -25.33
N ARG A 142 4.13 -0.56 -24.99
CA ARG A 142 3.66 -0.63 -23.60
C ARG A 142 2.60 -1.74 -23.47
N HIS A 143 2.46 -2.32 -22.27
CA HIS A 143 1.38 -3.26 -22.01
C HIS A 143 0.19 -2.47 -21.51
N GLU A 144 -0.28 -1.57 -22.38
CA GLU A 144 -1.36 -0.65 -22.13
C GLU A 144 -2.25 -0.59 -23.35
N TYR A 145 -3.57 -0.61 -23.16
CA TYR A 145 -4.52 -0.63 -24.25
C TYR A 145 -5.62 0.36 -24.03
N LEU A 146 -6.17 0.87 -25.12
CA LEU A 146 -7.30 1.76 -25.13
C LEU A 146 -8.44 0.95 -25.73
N TYR A 147 -9.51 0.83 -24.98
CA TYR A 147 -10.70 0.08 -25.43
C TYR A 147 -11.93 0.55 -24.60
N GLY A 148 -13.13 0.14 -25.01
CA GLY A 148 -14.35 0.50 -24.31
C GLY A 148 -14.90 1.85 -24.72
N ASN A 149 -16.12 2.11 -24.27
CA ASN A 149 -16.80 3.35 -24.64
C ASN A 149 -16.46 4.50 -23.72
N TYR A 150 -15.33 5.13 -24.00
CA TYR A 150 -14.84 6.27 -23.25
C TYR A 150 -14.23 7.21 -24.27
N PRO A 151 -14.47 8.52 -24.14
CA PRO A 151 -13.77 9.47 -25.03
C PRO A 151 -12.26 9.41 -24.77
N LEU A 152 -11.47 9.68 -25.81
CA LEU A 152 -10.03 9.58 -25.76
C LEU A 152 -9.38 10.33 -24.58
N CYS A 153 -9.90 11.50 -24.22
CA CYS A 153 -9.34 12.30 -23.11
C CYS A 153 -9.56 11.61 -21.73
N HIS A 154 -10.52 10.68 -21.62
CA HIS A 154 -10.76 9.93 -20.38
C HIS A 154 -9.63 8.93 -20.10
N PHE A 155 -8.81 8.56 -21.09
CA PHE A 155 -7.70 7.64 -20.89
C PHE A 155 -6.52 8.43 -20.41
N GLN A 156 -5.81 7.91 -19.40
CA GLN A 156 -4.63 8.56 -18.82
C GLN A 156 -3.55 8.82 -19.86
N TYR A 157 -3.37 7.88 -20.80
CA TYR A 157 -2.36 8.04 -21.84
C TYR A 157 -2.64 9.22 -22.76
N ILE A 158 -3.85 9.32 -23.32
CA ILE A 158 -4.18 10.41 -24.23
C ILE A 158 -4.12 11.74 -23.50
N CYS A 159 -4.66 11.79 -22.27
CA CYS A 159 -4.63 12.97 -21.41
C CYS A 159 -3.19 13.42 -21.13
N SER A 160 -2.31 12.46 -20.90
CA SER A 160 -0.90 12.75 -20.65
C SER A 160 -0.26 13.36 -21.91
N CYS A 161 -0.60 12.82 -23.09
CA CYS A 161 -0.09 13.29 -24.36
C CYS A 161 -0.53 14.74 -24.62
N LEU A 162 -1.78 15.05 -24.28
CA LEU A 162 -2.37 16.36 -24.43
C LEU A 162 -1.59 17.43 -23.68
N HIS A 163 -1.26 17.18 -22.40
CA HIS A 163 -0.51 18.13 -21.61
C HIS A 163 0.94 18.23 -22.04
N SER A 164 1.61 17.11 -22.33
CA SER A 164 3.01 17.15 -22.75
C SER A 164 3.26 17.57 -24.21
N GLY A 165 2.19 17.83 -24.97
CA GLY A 165 2.28 18.21 -26.37
C GLY A 165 2.68 17.09 -27.33
N LEU A 166 2.93 15.88 -26.82
CA LEU A 166 3.32 14.74 -27.66
C LEU A 166 2.12 14.07 -28.35
N THR A 167 2.38 13.35 -29.44
CA THR A 167 1.36 12.69 -30.25
C THR A 167 1.18 11.22 -29.84
N PRO A 168 -0.05 10.82 -29.49
CA PRO A 168 -0.29 9.41 -29.14
C PRO A 168 0.12 8.45 -30.25
N HIS A 169 0.88 7.40 -29.93
CA HIS A 169 1.24 6.38 -30.90
C HIS A 169 0.52 5.08 -30.50
N LEU A 170 -0.41 4.62 -31.36
CA LEU A 170 -1.25 3.46 -31.10
C LEU A 170 -1.10 2.39 -32.18
N THR A 171 -1.27 1.12 -31.79
CA THR A 171 -1.20 0.02 -32.73
C THR A 171 -2.53 -0.71 -32.69
N MET A 172 -3.16 -0.93 -33.85
CA MET A 172 -4.40 -1.68 -33.99
C MET A 172 -4.06 -3.14 -33.78
N VAL A 173 -4.62 -3.75 -32.74
CA VAL A 173 -4.38 -5.17 -32.47
C VAL A 173 -5.70 -5.90 -32.62
N HIS A 174 -5.71 -6.94 -33.44
CA HIS A 174 -6.90 -7.73 -33.76
C HIS A 174 -7.23 -8.73 -32.65
N SER A 175 -8.50 -9.12 -32.53
CA SER A 175 -8.95 -10.07 -31.51
C SER A 175 -8.20 -11.37 -31.51
N SER A 176 -7.92 -11.94 -32.69
CA SER A 176 -7.19 -13.19 -32.85
C SER A 176 -5.76 -13.13 -32.30
N SER A 177 -5.17 -11.94 -32.33
CA SER A 177 -3.82 -11.73 -31.80
C SER A 177 -3.89 -11.69 -30.26
N ILE A 178 -4.93 -11.06 -29.69
CA ILE A 178 -5.19 -10.98 -28.25
C ILE A 178 -5.52 -12.38 -27.70
N LEU A 179 -6.27 -13.18 -28.48
CA LEU A 179 -6.58 -14.56 -28.09
C LEU A 179 -5.35 -15.42 -28.14
N ALA A 180 -4.43 -15.16 -29.10
CA ALA A 180 -3.17 -15.88 -29.18
C ALA A 180 -2.35 -15.58 -27.92
N MET A 181 -2.41 -14.33 -27.39
CA MET A 181 -1.77 -13.97 -26.13
C MET A 181 -2.37 -14.80 -25.01
N ARG A 182 -3.71 -14.79 -24.86
CA ARG A 182 -4.40 -15.58 -23.83
C ARG A 182 -4.03 -17.07 -23.87
N ASP A 183 -3.92 -17.65 -25.08
CA ASP A 183 -3.63 -19.08 -25.19
C ASP A 183 -2.20 -19.44 -24.81
N GLU A 184 -1.20 -18.66 -25.25
CA GLU A 184 0.19 -18.97 -24.88
C GLU A 184 0.51 -18.73 -23.38
N GLN A 185 -0.38 -18.04 -22.67
CA GLN A 185 -0.19 -17.76 -21.25
C GLN A 185 -0.99 -18.70 -20.35
N SER A 186 -1.40 -19.87 -20.87
CA SER A 186 -2.20 -20.83 -20.12
C SER A 186 -1.43 -21.60 -19.08
N ASN A 187 -2.13 -22.02 -18.02
CA ASN A 187 -1.56 -22.89 -17.01
C ASN A 187 -1.42 -24.28 -17.67
N PRO A 188 -0.39 -25.08 -17.29
CA PRO A 188 -0.26 -26.43 -17.90
C PRO A 188 -1.37 -27.41 -17.52
N ALA A 189 -1.41 -28.60 -18.17
CA ALA A 189 -2.41 -29.64 -17.92
C ALA A 189 -1.79 -31.02 -17.73
N SER A 211 -20.44 -28.23 24.82
CA SER A 211 -20.73 -26.80 24.74
C SER A 211 -19.80 -25.96 25.57
N LEU A 212 -19.33 -24.83 24.98
CA LEU A 212 -18.44 -23.87 25.63
C LEU A 212 -19.20 -23.07 26.72
N TRP A 213 -20.45 -22.65 26.41
CA TRP A 213 -21.29 -21.84 27.29
C TRP A 213 -21.73 -22.49 28.61
N SER A 214 -21.30 -23.73 28.85
CA SER A 214 -21.64 -24.43 30.09
C SER A 214 -20.44 -24.45 31.06
N LEU A 215 -19.21 -24.39 30.51
CA LEU A 215 -17.98 -24.40 31.29
C LEU A 215 -17.83 -23.07 32.04
N GLU A 216 -18.38 -22.98 33.26
CA GLU A 216 -18.33 -21.74 34.03
C GLU A 216 -17.05 -21.54 34.85
N GLN A 217 -16.15 -22.53 34.89
CA GLN A 217 -14.91 -22.40 35.67
C GLN A 217 -14.06 -21.22 35.20
N PRO A 218 -13.28 -20.60 36.11
CA PRO A 218 -12.44 -19.46 35.69
C PRO A 218 -11.38 -19.95 34.72
N PHE A 219 -11.07 -19.15 33.68
CA PHE A 219 -10.04 -19.56 32.72
C PHE A 219 -8.69 -19.62 33.44
N SER A 220 -7.89 -20.64 33.14
CA SER A 220 -6.59 -20.79 33.77
C SER A 220 -5.63 -21.55 32.88
N ILE A 221 -4.33 -21.43 33.17
CA ILE A 221 -3.25 -22.12 32.47
C ILE A 221 -2.16 -22.47 33.52
N GLU A 222 -1.26 -23.39 33.17
CA GLU A 222 -0.14 -23.69 34.03
C GLU A 222 1.10 -23.14 33.36
N LEU A 223 1.80 -22.23 34.03
CA LEU A 223 3.06 -21.71 33.54
C LEU A 223 4.05 -22.76 34.03
N ILE A 224 4.53 -23.62 33.13
CA ILE A 224 5.45 -24.69 33.50
C ILE A 224 6.91 -24.18 33.66
N GLU A 225 7.62 -23.87 32.56
CA GLU A 225 9.03 -23.47 32.64
C GLU A 225 9.47 -22.64 31.41
N GLY A 226 10.65 -22.04 31.47
CA GLY A 226 11.22 -21.27 30.39
C GLY A 226 12.55 -21.85 29.96
N ARG A 227 12.95 -21.62 28.72
CA ARG A 227 14.23 -22.13 28.20
C ARG A 227 15.02 -21.01 27.50
N LYS A 228 16.34 -21.16 27.41
CA LYS A 228 17.24 -20.21 26.74
C LYS A 228 17.01 -18.74 27.14
N VAL A 229 16.78 -18.49 28.43
CA VAL A 229 16.56 -17.14 28.93
C VAL A 229 17.88 -16.43 29.22
N ASN A 230 18.05 -15.22 28.69
CA ASN A 230 19.24 -14.41 28.90
C ASN A 230 18.86 -13.13 29.62
N ALA A 231 19.34 -12.97 30.85
CA ALA A 231 19.05 -11.79 31.67
C ALA A 231 20.13 -11.66 32.76
N ASP A 232 20.23 -10.47 33.38
CA ASP A 232 21.14 -10.14 34.47
C ASP A 232 20.81 -11.05 35.65
N GLU A 233 21.80 -11.86 36.09
CA GLU A 233 21.67 -12.81 37.19
C GLU A 233 21.36 -12.17 38.56
N ARG A 234 21.59 -10.84 38.69
CA ARG A 234 21.27 -10.09 39.90
C ARG A 234 19.75 -9.92 40.06
N MET A 235 19.03 -9.79 38.92
CA MET A 235 17.58 -9.57 38.89
C MET A 235 16.75 -10.88 39.05
N LYS A 236 15.41 -10.78 39.03
CA LYS A 236 14.51 -11.94 39.09
C LYS A 236 13.59 -11.96 37.84
N LEU A 237 13.06 -13.15 37.47
CA LEU A 237 12.20 -13.31 36.29
C LEU A 237 10.72 -13.29 36.59
N VAL A 238 9.95 -12.56 35.77
CA VAL A 238 8.50 -12.47 35.93
C VAL A 238 7.83 -12.72 34.58
N VAL A 239 6.72 -13.47 34.59
CA VAL A 239 5.91 -13.74 33.41
C VAL A 239 4.55 -13.08 33.61
N GLN A 240 4.30 -12.00 32.86
CA GLN A 240 3.02 -11.31 32.92
C GLN A 240 2.13 -11.88 31.81
N ALA A 241 0.85 -12.10 32.09
CA ALA A 241 -0.07 -12.68 31.12
C ALA A 241 -1.40 -11.95 31.12
N GLY A 242 -1.94 -11.69 29.94
CA GLY A 242 -3.20 -10.98 29.78
C GLY A 242 -4.08 -11.61 28.71
N LEU A 243 -5.40 -11.43 28.82
CA LEU A 243 -6.33 -11.98 27.83
C LEU A 243 -6.90 -10.85 27.03
N PHE A 244 -6.75 -10.90 25.72
CA PHE A 244 -7.16 -9.81 24.86
C PHE A 244 -8.12 -10.22 23.76
N HIS A 245 -8.94 -9.27 23.37
CA HIS A 245 -9.81 -9.40 22.22
C HIS A 245 -9.37 -8.21 21.40
N GLY A 246 -8.32 -8.43 20.63
CA GLY A 246 -7.69 -7.36 19.87
C GLY A 246 -6.94 -6.42 20.79
N ASN A 247 -7.42 -5.16 20.89
CA ASN A 247 -6.79 -4.18 21.76
C ASN A 247 -7.30 -4.22 23.20
N GLU A 248 -8.58 -4.55 23.39
CA GLU A 248 -9.18 -4.57 24.72
C GLU A 248 -8.79 -5.76 25.59
N MET A 249 -8.55 -5.48 26.87
CA MET A 249 -8.28 -6.54 27.84
C MET A 249 -9.63 -7.15 28.20
N LEU A 250 -9.74 -8.47 28.10
CA LEU A 250 -10.95 -9.24 28.43
C LEU A 250 -11.18 -9.30 29.97
N CYS A 251 -10.07 -9.32 30.71
CA CYS A 251 -10.00 -9.32 32.16
C CYS A 251 -8.65 -8.68 32.57
N LYS A 252 -8.43 -8.48 33.87
CA LYS A 252 -7.20 -7.91 34.39
C LYS A 252 -6.00 -8.85 34.10
N THR A 253 -4.78 -8.28 34.01
CA THR A 253 -3.61 -9.11 33.77
C THR A 253 -3.19 -9.82 35.05
N VAL A 254 -2.53 -10.97 34.90
CA VAL A 254 -2.05 -11.73 36.04
C VAL A 254 -0.55 -11.90 35.90
N SER A 255 0.16 -11.88 37.02
CA SER A 255 1.62 -12.02 37.01
C SER A 255 2.04 -13.32 37.69
N SER A 256 3.19 -13.84 37.32
CA SER A 256 3.75 -15.02 37.97
C SER A 256 4.54 -14.56 39.22
N SER A 257 4.99 -15.50 40.06
CA SER A 257 5.84 -15.13 41.19
C SER A 257 7.27 -14.88 40.66
N GLU A 258 8.06 -14.13 41.43
CA GLU A 258 9.43 -13.84 41.04
C GLU A 258 10.29 -15.05 41.33
N VAL A 259 10.97 -15.55 40.30
CA VAL A 259 11.88 -16.69 40.40
C VAL A 259 13.26 -16.22 39.91
N ASN A 260 14.36 -16.58 40.63
CA ASN A 260 15.73 -16.17 40.25
C ASN A 260 16.07 -16.34 38.77
N VAL A 261 16.78 -15.36 38.20
CA VAL A 261 17.19 -15.38 36.81
C VAL A 261 18.18 -16.53 36.57
N CYS A 262 17.86 -17.36 35.58
CA CYS A 262 18.69 -18.47 35.10
C CYS A 262 18.24 -18.84 33.66
N SER A 263 19.05 -19.64 32.93
CA SER A 263 18.70 -20.01 31.56
C SER A 263 17.45 -20.91 31.47
N GLU A 264 17.18 -21.73 32.51
CA GLU A 264 16.00 -22.61 32.50
C GLU A 264 15.10 -22.37 33.73
N PRO A 265 14.39 -21.23 33.79
CA PRO A 265 13.51 -20.98 34.95
C PRO A 265 12.35 -21.96 35.08
N VAL A 266 12.00 -22.32 36.32
CA VAL A 266 10.87 -23.22 36.57
C VAL A 266 9.86 -22.53 37.49
N TRP A 267 8.61 -22.46 37.05
CA TRP A 267 7.55 -21.87 37.86
C TRP A 267 6.63 -22.97 38.34
N LYS A 268 6.11 -23.80 37.40
CA LYS A 268 5.16 -24.88 37.62
C LYS A 268 3.99 -24.43 38.47
N GLN A 269 3.39 -23.29 38.12
CA GLN A 269 2.28 -22.72 38.88
C GLN A 269 1.07 -22.38 38.03
N ARG A 270 -0.11 -22.40 38.66
CA ARG A 270 -1.36 -22.07 37.99
C ARG A 270 -1.54 -20.55 37.93
N LEU A 271 -2.03 -20.07 36.79
CA LEU A 271 -2.33 -18.66 36.58
C LEU A 271 -3.80 -18.63 36.26
N GLU A 272 -4.62 -17.98 37.10
CA GLU A 272 -6.06 -17.95 36.88
C GLU A 272 -6.55 -16.54 36.56
N PHE A 273 -7.44 -16.42 35.58
CA PHE A 273 -7.96 -15.14 35.11
C PHE A 273 -9.37 -14.87 35.55
N ASP A 274 -9.71 -13.59 35.75
CA ASP A 274 -11.06 -13.17 36.16
C ASP A 274 -12.03 -13.15 34.96
N ILE A 275 -12.30 -14.33 34.39
CA ILE A 275 -13.23 -14.52 33.28
C ILE A 275 -13.59 -16.01 33.18
N SER A 276 -14.88 -16.31 33.05
CA SER A 276 -15.36 -17.67 32.93
C SER A 276 -14.98 -18.25 31.56
N VAL A 277 -14.60 -19.55 31.50
CA VAL A 277 -14.25 -20.22 30.24
C VAL A 277 -15.36 -20.03 29.17
N CYS A 278 -16.61 -20.07 29.59
CA CYS A 278 -17.77 -19.91 28.72
C CYS A 278 -17.84 -18.56 28.00
N ASP A 279 -17.18 -17.51 28.57
CA ASP A 279 -17.21 -16.14 28.02
C ASP A 279 -16.02 -15.75 27.15
N LEU A 280 -15.07 -16.67 26.93
CA LEU A 280 -13.93 -16.39 26.08
C LEU A 280 -14.44 -16.18 24.64
N PRO A 281 -14.27 -14.98 24.06
CA PRO A 281 -14.74 -14.76 22.68
C PRO A 281 -13.94 -15.59 21.68
N ARG A 282 -14.52 -15.85 20.52
CA ARG A 282 -13.87 -16.68 19.51
C ARG A 282 -12.44 -16.22 19.13
N MET A 283 -12.20 -14.91 19.10
CA MET A 283 -10.91 -14.34 18.73
C MET A 283 -10.01 -13.98 19.90
N ALA A 284 -10.23 -14.64 21.07
CA ALA A 284 -9.45 -14.38 22.27
C ALA A 284 -8.01 -14.82 22.11
N ARG A 285 -7.11 -13.96 22.56
CA ARG A 285 -5.69 -14.28 22.54
C ARG A 285 -5.06 -14.13 23.92
N LEU A 286 -4.17 -15.08 24.28
CA LEU A 286 -3.46 -15.08 25.55
C LEU A 286 -2.08 -14.52 25.27
N CYS A 287 -1.75 -13.41 25.92
CA CYS A 287 -0.50 -12.72 25.67
C CYS A 287 0.50 -12.78 26.80
N PHE A 288 1.73 -13.18 26.52
CA PHE A 288 2.76 -13.29 27.53
C PHE A 288 3.88 -12.27 27.38
N ALA A 289 4.52 -11.93 28.50
CA ALA A 289 5.68 -11.06 28.51
C ALA A 289 6.62 -11.49 29.64
N LEU A 290 7.80 -11.99 29.26
CA LEU A 290 8.80 -12.40 30.22
C LEU A 290 9.74 -11.23 30.38
N TYR A 291 9.94 -10.79 31.61
CA TYR A 291 10.85 -9.68 31.87
C TYR A 291 11.66 -9.89 33.17
N ALA A 292 12.64 -9.02 33.41
CA ALA A 292 13.51 -9.07 34.58
C ALA A 292 13.22 -7.85 35.45
N VAL A 293 13.22 -8.06 36.78
CA VAL A 293 12.93 -7.01 37.76
C VAL A 293 14.03 -6.89 38.82
N VAL A 294 14.19 -5.68 39.37
CA VAL A 294 15.17 -5.45 40.44
C VAL A 294 14.60 -5.94 41.77
N ASP A 311 12.93 -1.63 35.03
CA ASP A 311 12.26 -2.74 34.34
C ASP A 311 13.02 -3.18 33.09
N CYS A 312 13.24 -4.50 32.96
CA CYS A 312 14.00 -5.04 31.84
C CYS A 312 13.17 -6.02 30.97
N PRO A 313 12.56 -5.53 29.88
CA PRO A 313 11.78 -6.44 29.01
C PRO A 313 12.70 -7.41 28.27
N ILE A 314 12.27 -8.67 28.15
CA ILE A 314 13.10 -9.70 27.52
C ILE A 314 12.41 -10.31 26.32
N ALA A 315 11.17 -10.79 26.49
CA ALA A 315 10.48 -11.47 25.40
C ALA A 315 8.96 -11.43 25.53
N TRP A 316 8.26 -11.69 24.41
CA TRP A 316 6.81 -11.75 24.38
C TRP A 316 6.40 -12.95 23.50
N ALA A 317 5.19 -13.46 23.71
CA ALA A 317 4.64 -14.56 22.90
C ALA A 317 3.15 -14.56 23.04
N ASN A 318 2.39 -14.69 21.93
CA ASN A 318 0.93 -14.73 21.99
C ASN A 318 0.37 -15.99 21.32
N LEU A 319 -0.86 -16.35 21.66
CA LEU A 319 -1.53 -17.47 21.01
C LEU A 319 -3.04 -17.32 21.04
N MET A 320 -3.72 -17.87 20.04
CA MET A 320 -5.18 -17.88 20.03
C MET A 320 -5.59 -19.05 20.95
N LEU A 321 -6.58 -18.84 21.83
CA LEU A 321 -7.08 -19.89 22.73
C LEU A 321 -7.84 -20.98 21.94
N PHE A 322 -8.49 -20.60 20.83
CA PHE A 322 -9.13 -21.57 19.95
C PHE A 322 -8.26 -21.72 18.68
N ASP A 323 -8.23 -22.92 18.09
CA ASP A 323 -7.46 -23.15 16.88
C ASP A 323 -8.24 -22.73 15.61
N TYR A 324 -7.67 -22.96 14.41
CA TYR A 324 -8.33 -22.55 13.17
C TYR A 324 -9.61 -23.35 12.87
N LYS A 325 -9.74 -24.55 13.44
CA LYS A 325 -10.93 -25.38 13.30
C LYS A 325 -11.96 -25.14 14.43
N ASP A 326 -11.83 -24.01 15.17
CA ASP A 326 -12.70 -23.52 16.25
C ASP A 326 -12.62 -24.34 17.55
N GLN A 327 -11.65 -25.26 17.67
CA GLN A 327 -11.53 -26.06 18.86
C GLN A 327 -10.69 -25.40 19.93
N LEU A 328 -11.18 -25.42 21.19
CA LEU A 328 -10.44 -24.88 22.34
C LEU A 328 -9.19 -25.72 22.51
N LYS A 329 -8.05 -25.05 22.70
CA LYS A 329 -6.78 -25.75 22.81
C LYS A 329 -6.54 -26.30 24.18
N THR A 330 -6.01 -27.53 24.23
CA THR A 330 -5.64 -28.22 25.47
C THR A 330 -4.24 -28.88 25.30
N GLY A 331 -3.65 -29.31 26.39
CA GLY A 331 -2.34 -29.95 26.37
C GLY A 331 -1.21 -28.95 26.52
N GLU A 332 0.01 -29.41 26.33
CA GLU A 332 1.17 -28.55 26.45
C GLU A 332 1.40 -27.72 25.18
N ARG A 333 2.07 -26.57 25.33
CA ARG A 333 2.44 -25.69 24.22
C ARG A 333 3.79 -25.11 24.54
N CYS A 334 4.73 -25.25 23.60
CA CYS A 334 6.04 -24.66 23.78
C CYS A 334 5.99 -23.37 22.98
N LEU A 335 6.03 -22.23 23.67
CA LEU A 335 5.95 -20.94 23.02
C LEU A 335 7.32 -20.31 22.75
N TYR A 336 7.77 -20.37 21.49
CA TYR A 336 9.05 -19.78 21.10
C TYR A 336 8.86 -18.27 21.00
N MET A 337 9.44 -17.55 21.94
CA MET A 337 9.26 -16.13 22.13
C MET A 337 10.08 -15.20 21.26
N TRP A 338 9.52 -14.01 21.03
CA TRP A 338 10.12 -12.96 20.25
C TRP A 338 10.80 -11.99 21.20
N PRO A 339 12.02 -11.55 20.87
CA PRO A 339 12.73 -10.61 21.75
C PRO A 339 12.06 -9.22 21.79
N SER A 340 11.99 -8.62 22.98
CA SER A 340 11.39 -7.30 23.14
C SER A 340 12.43 -6.21 22.83
N LEU A 348 4.35 -3.27 27.91
CA LEU A 348 5.09 -4.52 28.06
C LEU A 348 4.39 -5.68 27.32
N LEU A 349 3.07 -5.88 27.56
CA LEU A 349 2.35 -6.92 26.81
C LEU A 349 2.14 -6.44 25.36
N ASN A 350 2.29 -7.34 24.38
CA ASN A 350 2.15 -6.98 22.96
C ASN A 350 0.92 -7.63 22.25
N PRO A 351 -0.34 -7.22 22.54
CA PRO A 351 -1.50 -7.92 21.91
C PRO A 351 -1.55 -7.90 20.38
N ALA A 352 -1.09 -6.83 19.71
CA ALA A 352 -1.12 -6.80 18.24
C ALA A 352 -0.09 -7.74 17.60
N GLY A 353 0.92 -8.18 18.37
CA GLY A 353 1.95 -9.08 17.86
C GLY A 353 1.41 -10.40 17.36
N THR A 354 2.12 -11.00 16.42
CA THR A 354 1.76 -12.29 15.84
C THR A 354 1.48 -13.40 16.87
N VAL A 355 0.51 -14.24 16.56
CA VAL A 355 0.12 -15.37 17.37
C VAL A 355 0.81 -16.68 16.93
N ARG A 356 1.86 -16.60 16.10
CA ARG A 356 2.64 -17.75 15.69
C ARG A 356 4.02 -17.58 16.33
N GLY A 357 4.61 -18.69 16.77
CA GLY A 357 5.90 -18.68 17.45
C GLY A 357 7.06 -18.24 16.60
N ASN A 358 8.17 -17.87 17.27
CA ASN A 358 9.43 -17.45 16.70
C ASN A 358 10.09 -18.65 16.01
N PRO A 359 10.33 -18.57 14.69
CA PRO A 359 10.92 -19.71 13.97
C PRO A 359 12.37 -20.04 14.31
N ASN A 360 13.12 -19.08 14.88
CA ASN A 360 14.51 -19.35 15.24
C ASN A 360 14.51 -20.07 16.60
N THR A 361 14.13 -21.35 16.61
CA THR A 361 14.08 -22.19 17.80
C THR A 361 15.46 -22.40 18.42
N GLU A 362 16.52 -22.53 17.59
CA GLU A 362 17.88 -22.74 18.08
C GLU A 362 18.35 -21.71 19.11
N SER A 363 17.86 -20.46 19.03
CA SER A 363 18.28 -19.43 19.96
C SER A 363 17.16 -18.68 20.69
N ALA A 364 15.88 -18.95 20.35
CA ALA A 364 14.78 -18.24 20.99
C ALA A 364 14.48 -18.74 22.37
N ALA A 365 14.18 -17.79 23.26
CA ALA A 365 13.73 -18.11 24.61
C ALA A 365 12.35 -18.75 24.47
N ALA A 366 12.09 -19.84 25.19
CA ALA A 366 10.82 -20.54 25.08
C ALA A 366 10.07 -20.52 26.40
N LEU A 367 8.75 -20.59 26.34
CA LEU A 367 7.91 -20.59 27.51
C LEU A 367 6.96 -21.74 27.35
N VAL A 368 7.12 -22.75 28.19
CA VAL A 368 6.28 -23.93 28.18
C VAL A 368 5.11 -23.67 29.11
N ILE A 369 3.90 -23.81 28.59
CA ILE A 369 2.66 -23.62 29.32
C ILE A 369 1.80 -24.89 29.15
N TYR A 370 0.72 -25.02 29.93
CA TYR A 370 -0.20 -26.13 29.79
C TYR A 370 -1.63 -25.59 29.77
N LEU A 371 -2.38 -25.92 28.73
CA LEU A 371 -3.78 -25.48 28.62
C LEU A 371 -4.62 -26.62 29.17
N PRO A 372 -5.32 -26.40 30.28
CA PRO A 372 -6.06 -27.51 30.93
C PRO A 372 -7.20 -28.12 30.14
N GLU A 373 -7.39 -29.43 30.31
CA GLU A 373 -8.47 -30.15 29.67
C GLU A 373 -9.71 -29.87 30.48
N VAL A 374 -10.46 -28.84 30.06
CA VAL A 374 -11.69 -28.35 30.71
C VAL A 374 -12.91 -29.26 30.54
N ALA A 375 -12.81 -30.33 29.75
CA ALA A 375 -13.94 -31.21 29.47
C ALA A 375 -13.45 -32.59 29.05
N PRO A 376 -14.25 -33.66 29.29
CA PRO A 376 -13.83 -35.00 28.86
C PRO A 376 -13.89 -35.22 27.34
N HIS A 377 -14.46 -34.26 26.59
CA HIS A 377 -14.62 -34.29 25.14
C HIS A 377 -14.11 -32.95 24.54
N PRO A 378 -13.66 -32.92 23.27
CA PRO A 378 -13.21 -31.66 22.69
C PRO A 378 -14.33 -30.62 22.64
N VAL A 379 -13.98 -29.36 23.00
CA VAL A 379 -14.92 -28.24 23.01
C VAL A 379 -14.67 -27.32 21.81
N TYR A 380 -15.70 -27.09 21.02
CA TYR A 380 -15.65 -26.25 19.85
C TYR A 380 -16.45 -25.00 20.08
N PHE A 381 -16.07 -23.90 19.42
CA PHE A 381 -16.81 -22.66 19.52
C PHE A 381 -18.18 -22.86 18.86
N PRO A 382 -19.25 -22.40 19.49
CA PRO A 382 -20.59 -22.59 18.91
C PRO A 382 -20.71 -22.17 17.45
N ALA A 383 -21.47 -22.95 16.66
CA ALA A 383 -21.71 -22.61 15.25
C ALA A 383 -22.57 -21.36 15.20
N LEU A 384 -22.42 -20.56 14.13
CA LEU A 384 -23.16 -19.31 13.95
C LEU A 384 -24.67 -19.40 14.25
N GLU A 385 -25.36 -20.46 13.76
CA GLU A 385 -26.81 -20.63 14.01
C GLU A 385 -27.16 -20.71 15.51
N LYS A 386 -26.31 -21.34 16.32
CA LYS A 386 -26.53 -21.42 17.76
C LYS A 386 -26.28 -20.05 18.43
N ILE A 387 -25.31 -19.27 17.91
CA ILE A 387 -25.02 -17.92 18.41
C ILE A 387 -26.20 -17.01 18.11
N LEU A 388 -26.72 -17.10 16.86
CA LEU A 388 -27.85 -16.32 16.35
C LEU A 388 -29.14 -16.67 17.08
N GLU A 389 -29.31 -17.96 17.45
CA GLU A 389 -30.50 -18.38 18.21
C GLU A 389 -30.47 -17.70 19.59
N LEU A 390 -29.30 -17.63 20.22
CA LEU A 390 -29.14 -16.98 21.52
C LEU A 390 -29.34 -15.44 21.45
N GLY A 391 -28.73 -14.81 20.44
CA GLY A 391 -28.81 -13.37 20.25
C GLY A 391 -30.13 -12.85 19.72
N ARG A 392 -30.93 -13.74 19.10
CA ARG A 392 -32.28 -13.49 18.59
C ARG A 392 -33.18 -12.92 19.71
N HIS A 393 -32.99 -13.43 20.94
CA HIS A 393 -33.72 -13.01 22.12
C HIS A 393 -33.03 -11.82 22.79
N GLY A 394 -33.74 -10.72 22.87
CA GLY A 394 -33.27 -9.48 23.49
C GLY A 394 -34.43 -8.55 23.82
N GLU A 395 -34.13 -7.28 24.09
CA GLU A 395 -35.18 -6.30 24.40
C GLU A 395 -34.90 -4.97 23.71
N ARG A 396 -35.92 -4.35 23.10
CA ARG A 396 -35.71 -3.08 22.39
C ARG A 396 -36.03 -1.88 23.27
N ARG A 398 -38.39 0.90 24.25
CA ARG A 398 -38.51 2.26 23.75
C ARG A 398 -38.23 3.25 24.88
N ILE A 399 -37.19 4.07 24.73
CA ILE A 399 -36.84 5.04 25.77
C ILE A 399 -36.91 6.49 25.25
N THR A 400 -37.19 7.43 26.18
CA THR A 400 -37.33 8.89 26.09
C THR A 400 -36.77 9.58 24.84
N GLU A 401 -37.44 10.65 24.40
CA GLU A 401 -36.92 11.47 23.29
C GLU A 401 -35.70 12.29 23.76
N GLU A 402 -35.59 12.58 25.08
CA GLU A 402 -34.43 13.28 25.64
C GLU A 402 -33.19 12.36 25.65
N GLU A 403 -33.39 11.03 25.80
CA GLU A 403 -32.33 10.03 25.73
C GLU A 403 -31.97 9.79 24.23
N GLN A 404 -32.97 9.83 23.35
CA GLN A 404 -32.86 9.70 21.89
C GLN A 404 -32.06 10.88 21.32
N LEU A 405 -32.24 12.08 21.88
CA LEU A 405 -31.51 13.27 21.43
C LEU A 405 -30.05 13.21 21.86
N GLN A 406 -29.77 12.60 23.02
CA GLN A 406 -28.39 12.44 23.50
C GLN A 406 -27.63 11.40 22.66
N LEU A 407 -28.35 10.42 22.08
CA LEU A 407 -27.78 9.37 21.22
C LEU A 407 -27.39 9.97 19.87
N ARG A 408 -28.24 10.84 19.31
CA ARG A 408 -27.98 11.47 18.02
C ARG A 408 -26.77 12.43 18.10
N GLU A 409 -26.52 13.02 19.27
CA GLU A 409 -25.39 13.93 19.48
C GLU A 409 -24.07 13.16 19.54
N ILE A 410 -24.06 12.00 20.22
CA ILE A 410 -22.84 11.21 20.36
C ILE A 410 -22.55 10.37 19.11
N LEU A 411 -23.59 9.96 18.36
CA LEU A 411 -23.36 9.18 17.13
C LEU A 411 -22.89 10.05 15.96
N GLU A 412 -23.22 11.35 15.98
CA GLU A 412 -22.77 12.27 14.95
C GLU A 412 -21.63 13.15 15.50
N ARG A 413 -20.76 12.57 16.36
CA ARG A 413 -19.67 13.32 16.97
C ARG A 413 -18.31 12.95 16.36
N GLY A 417 -13.21 9.49 18.06
CA GLY A 417 -13.90 10.03 19.22
C GLY A 417 -13.76 9.17 20.47
N GLU A 418 -14.17 9.72 21.63
CA GLU A 418 -14.12 9.05 22.93
C GLU A 418 -15.38 9.38 23.73
N LEU A 419 -15.96 8.41 24.47
CA LEU A 419 -17.18 8.69 25.25
C LEU A 419 -17.16 8.06 26.66
N TYR A 420 -17.95 8.65 27.59
CA TYR A 420 -18.07 8.26 28.99
C TYR A 420 -18.90 6.98 29.21
N GLU A 421 -18.69 6.33 30.37
CA GLU A 421 -19.31 5.06 30.75
C GLU A 421 -20.82 5.01 30.61
N HIS A 422 -21.53 6.07 31.00
CA HIS A 422 -22.99 6.09 30.88
C HIS A 422 -23.46 6.18 29.42
N GLU A 423 -22.64 6.80 28.55
CA GLU A 423 -22.94 6.91 27.12
C GLU A 423 -22.76 5.55 26.42
N LYS A 424 -21.89 4.66 26.96
CA LYS A 424 -21.71 3.32 26.43
C LYS A 424 -22.98 2.51 26.73
N ASP A 425 -23.54 2.66 27.95
CA ASP A 425 -24.79 2.02 28.35
C ASP A 425 -25.96 2.48 27.46
N LEU A 426 -25.94 3.75 27.02
CA LEU A 426 -26.97 4.32 26.16
C LEU A 426 -26.86 3.82 24.73
N VAL A 427 -25.62 3.70 24.21
CA VAL A 427 -25.41 3.20 22.84
C VAL A 427 -25.74 1.71 22.77
N TRP A 428 -25.39 0.93 23.82
CA TRP A 428 -25.69 -0.48 23.84
C TRP A 428 -27.18 -0.74 23.91
N LYS A 429 -27.88 -0.07 24.82
CA LYS A 429 -29.32 -0.25 25.00
C LYS A 429 -30.09 0.06 23.71
N MET A 430 -29.66 1.11 23.00
CA MET A 430 -30.30 1.51 21.76
C MET A 430 -29.63 0.94 20.52
N ARG A 431 -29.00 -0.25 20.63
CA ARG A 431 -28.30 -0.94 19.55
C ARG A 431 -29.18 -1.23 18.33
N HIS A 432 -30.48 -1.49 18.56
CA HIS A 432 -31.45 -1.72 17.48
C HIS A 432 -31.72 -0.42 16.71
N GLU A 433 -31.76 0.71 17.44
CA GLU A 433 -31.94 2.02 16.83
C GLU A 433 -30.67 2.45 16.06
N VAL A 434 -29.48 1.94 16.48
CA VAL A 434 -28.20 2.15 15.81
C VAL A 434 -28.28 1.41 14.48
N GLN A 435 -28.65 0.11 14.49
CA GLN A 435 -28.82 -0.66 13.25
C GLN A 435 -29.82 -0.01 12.28
N GLU A 436 -31.01 0.35 12.77
CA GLU A 436 -32.08 0.92 11.96
C GLU A 436 -31.87 2.37 11.47
N HIS A 437 -31.43 3.29 12.35
CA HIS A 437 -31.34 4.70 11.94
C HIS A 437 -29.93 5.26 11.82
N PHE A 438 -28.91 4.60 12.38
CA PHE A 438 -27.53 5.06 12.24
C PHE A 438 -26.61 3.87 11.89
N PRO A 439 -26.86 3.16 10.76
CA PRO A 439 -26.04 1.98 10.44
C PRO A 439 -24.53 2.23 10.31
N GLU A 440 -24.15 3.43 9.84
CA GLU A 440 -22.74 3.77 9.71
C GLU A 440 -21.99 3.90 11.04
N ALA A 441 -22.71 3.94 12.16
CA ALA A 441 -22.14 4.03 13.51
C ALA A 441 -21.93 2.65 14.16
N LEU A 442 -21.87 1.58 13.33
CA LEU A 442 -21.60 0.20 13.73
C LEU A 442 -20.32 0.10 14.56
N ALA A 443 -19.25 0.81 14.15
CA ALA A 443 -17.97 0.74 14.85
C ALA A 443 -18.05 1.24 16.30
N ARG A 444 -18.83 2.30 16.58
CA ARG A 444 -18.98 2.79 17.95
C ARG A 444 -19.64 1.72 18.82
N LEU A 445 -20.68 1.06 18.27
CA LEU A 445 -21.44 0.00 18.93
C LEU A 445 -20.55 -1.20 19.23
N LEU A 446 -19.72 -1.62 18.26
CA LEU A 446 -18.81 -2.74 18.45
C LEU A 446 -17.81 -2.49 19.60
N LEU A 447 -17.43 -1.21 19.78
CA LEU A 447 -16.50 -0.78 20.82
C LEU A 447 -17.17 -0.81 22.19
N VAL A 448 -18.46 -0.42 22.27
CA VAL A 448 -19.17 -0.49 23.54
C VAL A 448 -19.57 -1.95 23.90
N THR A 449 -19.59 -2.88 22.91
CA THR A 449 -19.94 -4.28 23.18
C THR A 449 -18.94 -4.88 24.15
N LYS A 450 -19.43 -5.57 25.18
CA LYS A 450 -18.57 -6.20 26.16
C LYS A 450 -18.20 -7.56 25.60
N TRP A 451 -17.02 -7.66 24.99
CA TRP A 451 -16.56 -8.89 24.34
C TRP A 451 -16.23 -10.02 25.35
N ASN A 452 -16.22 -9.70 26.68
CA ASN A 452 -15.95 -10.67 27.74
C ASN A 452 -17.22 -11.31 28.31
N LYS A 453 -18.41 -11.01 27.75
CA LYS A 453 -19.72 -11.55 28.13
C LYS A 453 -20.25 -12.25 26.89
N HIS A 454 -20.24 -13.59 26.85
CA HIS A 454 -20.69 -14.34 25.69
C HIS A 454 -22.13 -14.04 25.23
N GLU A 455 -23.01 -13.59 26.14
CA GLU A 455 -24.39 -13.31 25.76
C GLU A 455 -24.54 -11.93 25.10
N ASP A 456 -23.68 -10.95 25.46
CA ASP A 456 -23.71 -9.64 24.76
C ASP A 456 -23.06 -9.78 23.37
N VAL A 457 -22.04 -10.66 23.22
CA VAL A 457 -21.40 -10.89 21.92
C VAL A 457 -22.44 -11.53 20.97
N ALA A 458 -23.25 -12.49 21.48
CA ALA A 458 -24.32 -13.15 20.73
C ALA A 458 -25.39 -12.14 20.24
N GLN A 459 -25.72 -11.14 21.07
CA GLN A 459 -26.68 -10.10 20.65
C GLN A 459 -26.08 -9.14 19.64
N MET A 460 -24.76 -8.86 19.76
CA MET A 460 -24.09 -7.99 18.80
C MET A 460 -24.09 -8.70 17.42
N LEU A 461 -23.67 -9.99 17.40
CA LEU A 461 -23.64 -10.80 16.19
C LEU A 461 -25.00 -10.95 15.49
N TYR A 462 -26.11 -11.07 16.26
CA TYR A 462 -27.47 -11.16 15.70
C TYR A 462 -27.81 -9.92 14.88
N LEU A 463 -27.47 -8.73 15.39
CA LEU A 463 -27.69 -7.48 14.66
C LEU A 463 -26.73 -7.39 13.48
N LEU A 464 -25.46 -7.76 13.67
CA LEU A 464 -24.44 -7.70 12.63
C LEU A 464 -24.81 -8.55 11.43
N CYS A 465 -25.34 -9.74 11.67
CA CYS A 465 -25.71 -10.65 10.60
C CYS A 465 -26.92 -10.16 9.76
N SER A 466 -27.58 -9.08 10.19
CA SER A 466 -28.60 -8.43 9.35
C SER A 466 -28.29 -6.91 9.14
N TRP A 467 -27.03 -6.50 9.40
CA TRP A 467 -26.58 -5.11 9.25
C TRP A 467 -26.51 -4.77 7.77
N PRO A 468 -27.02 -3.60 7.36
CA PRO A 468 -26.93 -3.26 5.94
C PRO A 468 -25.48 -3.05 5.53
N GLU A 469 -25.17 -3.27 4.23
CA GLU A 469 -23.83 -3.04 3.73
C GLU A 469 -23.42 -1.59 3.94
N LEU A 470 -22.22 -1.41 4.47
CA LEU A 470 -21.69 -0.08 4.75
C LEU A 470 -20.85 0.44 3.60
N PRO A 471 -20.64 1.76 3.51
CA PRO A 471 -19.76 2.29 2.48
C PRO A 471 -18.31 1.86 2.69
N VAL A 472 -17.50 1.86 1.62
CA VAL A 472 -16.08 1.51 1.64
C VAL A 472 -15.29 2.21 2.75
N LEU A 473 -15.58 3.51 2.98
CA LEU A 473 -14.89 4.28 4.02
C LEU A 473 -15.14 3.67 5.41
N SER A 474 -16.38 3.25 5.65
CA SER A 474 -16.74 2.65 6.91
C SER A 474 -16.07 1.28 7.07
N ALA A 475 -16.03 0.49 5.99
CA ALA A 475 -15.40 -0.84 5.96
C ALA A 475 -13.91 -0.78 6.24
N LEU A 476 -13.19 0.20 5.68
CA LEU A 476 -11.76 0.36 5.93
C LEU A 476 -11.48 0.62 7.41
N GLU A 477 -12.39 1.27 8.10
CA GLU A 477 -12.26 1.48 9.53
C GLU A 477 -12.39 0.14 10.26
N LEU A 478 -13.37 -0.68 9.85
CA LEU A 478 -13.67 -1.98 10.44
C LEU A 478 -12.55 -3.00 10.28
N LEU A 479 -11.64 -2.81 9.33
CA LEU A 479 -10.49 -3.72 9.15
C LEU A 479 -9.42 -3.51 10.22
N ASP A 480 -9.50 -2.41 10.97
CA ASP A 480 -8.53 -2.10 11.99
C ASP A 480 -8.49 -3.19 13.06
N PHE A 481 -7.33 -3.35 13.71
CA PHE A 481 -7.11 -4.34 14.77
C PHE A 481 -8.09 -4.18 15.95
N SER A 482 -8.66 -2.97 16.13
CA SER A 482 -9.68 -2.70 17.13
C SER A 482 -10.97 -3.49 16.89
N PHE A 483 -11.11 -4.21 15.75
CA PHE A 483 -12.29 -5.00 15.41
C PHE A 483 -11.81 -6.39 15.07
N PRO A 484 -11.34 -7.14 16.08
CA PRO A 484 -10.73 -8.44 15.79
C PRO A 484 -11.66 -9.60 15.56
N ASP A 485 -12.97 -9.45 15.78
CA ASP A 485 -13.90 -10.56 15.58
C ASP A 485 -13.98 -10.97 14.10
N CYS A 486 -13.94 -12.29 13.83
CA CYS A 486 -13.96 -12.85 12.48
C CYS A 486 -15.21 -12.53 11.72
N TYR A 487 -16.36 -12.48 12.40
CA TYR A 487 -17.61 -12.13 11.73
C TYR A 487 -17.60 -10.65 11.30
N VAL A 488 -17.00 -9.79 12.13
CA VAL A 488 -16.87 -8.37 11.84
C VAL A 488 -15.93 -8.17 10.64
N GLY A 489 -14.84 -8.94 10.59
CA GLY A 489 -13.90 -8.89 9.47
C GLY A 489 -14.53 -9.40 8.19
N SER A 490 -15.38 -10.41 8.29
CA SER A 490 -16.12 -10.98 7.18
C SER A 490 -17.14 -9.96 6.65
N PHE A 491 -17.78 -9.18 7.55
CA PHE A 491 -18.74 -8.13 7.20
C PHE A 491 -18.00 -6.99 6.50
N ALA A 492 -16.80 -6.63 7.00
CA ALA A 492 -15.99 -5.56 6.43
C ALA A 492 -15.56 -5.94 5.01
N ILE A 493 -15.14 -7.22 4.80
CA ILE A 493 -14.76 -7.73 3.49
C ILE A 493 -15.96 -7.71 2.52
N LYS A 494 -17.15 -8.06 3.01
CA LYS A 494 -18.38 -8.02 2.22
C LYS A 494 -18.69 -6.59 1.80
N SER A 495 -18.50 -5.59 2.68
CA SER A 495 -18.70 -4.18 2.29
C SER A 495 -17.54 -3.63 1.40
N LEU A 496 -16.40 -4.35 1.33
CA LEU A 496 -15.28 -3.99 0.47
C LEU A 496 -15.36 -4.65 -0.90
N ARG A 497 -16.24 -5.64 -1.13
CA ARG A 497 -16.36 -6.27 -2.44
C ARG A 497 -16.79 -5.31 -3.53
N LYS A 498 -17.45 -4.20 -3.17
CA LYS A 498 -17.88 -3.23 -4.15
C LYS A 498 -16.75 -2.31 -4.61
N LEU A 499 -15.53 -2.36 -3.98
CA LEU A 499 -14.35 -1.57 -4.38
C LEU A 499 -14.06 -1.87 -5.85
N THR A 500 -13.79 -0.83 -6.62
CA THR A 500 -13.39 -1.00 -7.99
C THR A 500 -11.93 -1.48 -7.94
N ASP A 501 -11.41 -2.01 -9.05
CA ASP A 501 -10.02 -2.41 -9.12
C ASP A 501 -9.09 -1.23 -8.86
N ASP A 502 -9.49 -0.02 -9.34
CA ASP A 502 -8.77 1.23 -9.12
C ASP A 502 -8.76 1.60 -7.64
N GLU A 503 -9.92 1.52 -6.94
CA GLU A 503 -9.94 1.81 -5.49
C GLU A 503 -9.15 0.77 -4.73
N LEU A 504 -9.27 -0.50 -5.14
CA LEU A 504 -8.54 -1.60 -4.51
C LEU A 504 -7.04 -1.39 -4.62
N PHE A 505 -6.54 -1.02 -5.82
CA PHE A 505 -5.14 -0.74 -6.06
C PHE A 505 -4.65 0.44 -5.17
N GLN A 506 -5.46 1.50 -5.07
CA GLN A 506 -5.15 2.65 -4.22
C GLN A 506 -4.92 2.22 -2.74
N TYR A 507 -5.75 1.29 -2.23
CA TYR A 507 -5.64 0.85 -0.84
C TYR A 507 -4.92 -0.47 -0.61
N LEU A 508 -4.39 -1.10 -1.66
CA LEU A 508 -3.73 -2.41 -1.60
C LEU A 508 -2.62 -2.50 -0.56
N LEU A 509 -1.77 -1.48 -0.46
CA LEU A 509 -0.71 -1.45 0.52
C LEU A 509 -1.25 -1.60 1.94
N GLN A 510 -2.38 -0.94 2.27
CA GLN A 510 -2.93 -1.04 3.60
C GLN A 510 -3.54 -2.41 3.83
N LEU A 511 -4.24 -2.97 2.82
CA LEU A 511 -4.86 -4.27 2.95
C LEU A 511 -3.83 -5.38 3.19
N VAL A 512 -2.64 -5.25 2.59
CA VAL A 512 -1.56 -6.20 2.82
C VAL A 512 -1.08 -6.10 4.25
N GLN A 513 -0.97 -4.87 4.80
CA GLN A 513 -0.53 -4.71 6.19
C GLN A 513 -1.54 -5.32 7.18
N VAL A 514 -2.83 -5.27 6.84
CA VAL A 514 -3.88 -5.87 7.65
C VAL A 514 -3.67 -7.39 7.79
N LEU A 515 -3.04 -8.06 6.79
CA LEU A 515 -2.73 -9.49 6.84
C LEU A 515 -1.91 -9.87 8.07
N LYS A 516 -1.01 -8.99 8.53
CA LYS A 516 -0.18 -9.17 9.72
C LYS A 516 -0.98 -9.20 11.03
N TYR A 517 -2.23 -8.73 11.01
CA TYR A 517 -3.14 -8.73 12.14
C TYR A 517 -3.99 -10.02 12.14
N GLU A 518 -4.08 -10.76 11.01
CA GLU A 518 -4.89 -11.95 10.93
C GLU A 518 -4.40 -13.00 11.91
N SER A 519 -5.34 -13.56 12.65
CA SER A 519 -5.03 -14.58 13.65
C SER A 519 -4.81 -15.94 13.01
N TYR A 520 -5.46 -16.21 11.87
CA TYR A 520 -5.35 -17.50 11.20
C TYR A 520 -4.89 -17.34 9.74
N LEU A 521 -4.32 -18.40 9.17
CA LEU A 521 -3.82 -18.39 7.81
C LEU A 521 -4.93 -18.26 6.75
N ASP A 522 -5.94 -19.13 6.82
CA ASP A 522 -7.04 -19.10 5.86
C ASP A 522 -8.05 -18.09 6.40
N CYS A 523 -8.18 -16.97 5.72
CA CYS A 523 -9.09 -15.91 6.14
C CYS A 523 -9.79 -15.26 4.95
N GLU A 524 -10.92 -14.59 5.22
CA GLU A 524 -11.67 -13.91 4.16
C GLU A 524 -10.84 -12.86 3.42
N LEU A 525 -9.91 -12.19 4.11
CA LEU A 525 -9.08 -11.16 3.50
C LEU A 525 -8.06 -11.74 2.51
N THR A 526 -7.41 -12.85 2.85
CA THR A 526 -6.46 -13.49 1.96
C THR A 526 -7.18 -13.98 0.69
N LYS A 527 -8.32 -14.65 0.85
CA LYS A 527 -9.11 -15.15 -0.28
C LYS A 527 -9.61 -13.98 -1.15
N PHE A 528 -10.05 -12.90 -0.51
CA PHE A 528 -10.49 -11.70 -1.21
C PHE A 528 -9.33 -11.12 -2.03
N LEU A 529 -8.16 -10.94 -1.41
CA LEU A 529 -6.98 -10.41 -2.08
C LEU A 529 -6.50 -11.30 -3.23
N LEU A 530 -6.48 -12.64 -3.02
CA LEU A 530 -6.07 -13.61 -4.04
C LEU A 530 -7.04 -13.64 -5.22
N GLY A 531 -8.34 -13.60 -4.93
CA GLY A 531 -9.37 -13.59 -5.96
C GLY A 531 -9.27 -12.33 -6.81
N ARG A 532 -9.03 -11.18 -6.18
CA ARG A 532 -8.88 -9.93 -6.93
C ARG A 532 -7.58 -9.93 -7.72
N ALA A 533 -6.49 -10.47 -7.15
CA ALA A 533 -5.20 -10.54 -7.85
C ALA A 533 -5.21 -11.47 -9.04
N LEU A 534 -6.02 -12.53 -8.97
CA LEU A 534 -6.13 -13.46 -10.09
C LEU A 534 -7.07 -12.95 -11.18
N ALA A 535 -7.93 -12.00 -10.86
CA ALA A 535 -8.85 -11.39 -11.79
C ALA A 535 -8.29 -10.11 -12.43
N ASN A 536 -7.14 -9.59 -11.95
CA ASN A 536 -6.53 -8.39 -12.47
C ASN A 536 -5.03 -8.55 -12.31
N ARG A 537 -4.30 -8.68 -13.44
CA ARG A 537 -2.86 -8.92 -13.49
C ARG A 537 -2.00 -7.80 -12.80
N LYS A 538 -2.49 -6.55 -12.80
CA LYS A 538 -1.82 -5.44 -12.17
C LYS A 538 -1.98 -5.56 -10.63
N ILE A 539 -3.17 -5.94 -10.14
CA ILE A 539 -3.37 -6.19 -8.69
C ILE A 539 -2.46 -7.34 -8.25
N GLY A 540 -2.45 -8.41 -9.06
CA GLY A 540 -1.61 -9.60 -8.86
C GLY A 540 -0.15 -9.25 -8.79
N HIS A 541 0.33 -8.46 -9.75
CA HIS A 541 1.70 -7.95 -9.79
C HIS A 541 2.12 -7.28 -8.47
N PHE A 542 1.33 -6.32 -7.96
CA PHE A 542 1.68 -5.55 -6.76
C PHE A 542 1.42 -6.33 -5.45
N LEU A 543 0.41 -7.21 -5.41
CA LEU A 543 0.22 -8.08 -4.22
C LEU A 543 1.47 -8.98 -4.09
N PHE A 544 1.97 -9.51 -5.23
CA PHE A 544 3.19 -10.33 -5.22
C PHE A 544 4.35 -9.59 -4.59
N TRP A 545 4.63 -8.32 -5.05
CA TRP A 545 5.77 -7.55 -4.62
C TRP A 545 5.64 -7.02 -3.24
N HIS A 546 4.42 -6.69 -2.79
CA HIS A 546 4.25 -6.26 -1.40
C HIS A 546 4.57 -7.42 -0.45
N LEU A 547 4.21 -8.67 -0.84
CA LEU A 547 4.49 -9.86 -0.04
C LEU A 547 5.98 -10.27 -0.14
N ARG A 548 6.52 -10.28 -1.37
CA ARG A 548 7.89 -10.68 -1.62
C ARG A 548 8.87 -9.82 -0.90
N SER A 549 8.58 -8.51 -0.81
CA SER A 549 9.52 -7.57 -0.17
C SER A 549 9.64 -7.76 1.34
N GLU A 550 8.78 -8.58 1.95
CA GLU A 550 8.85 -8.82 3.39
C GLU A 550 9.22 -10.26 3.75
N MET A 551 9.74 -11.04 2.79
CA MET A 551 10.10 -12.44 3.05
C MET A 551 11.26 -12.59 4.03
N HIS A 552 12.05 -11.53 4.23
CA HIS A 552 13.17 -11.49 5.17
C HIS A 552 12.69 -11.20 6.61
N VAL A 553 11.39 -10.94 6.83
CA VAL A 553 10.79 -10.68 8.13
C VAL A 553 10.19 -12.01 8.61
N PRO A 554 10.83 -12.65 9.63
CA PRO A 554 10.39 -14.01 10.04
C PRO A 554 8.95 -14.14 10.50
N SER A 555 8.39 -13.08 11.09
CA SER A 555 7.01 -13.12 11.57
C SER A 555 5.99 -13.19 10.45
N VAL A 556 6.34 -12.75 9.22
CA VAL A 556 5.40 -12.81 8.10
C VAL A 556 5.81 -13.78 6.99
N ALA A 557 7.06 -14.25 6.98
CA ALA A 557 7.57 -15.11 5.90
C ALA A 557 6.71 -16.36 5.58
N LEU A 558 6.10 -17.00 6.61
CA LEU A 558 5.27 -18.16 6.35
C LEU A 558 3.95 -17.75 5.69
N ARG A 559 3.21 -16.81 6.31
CA ARG A 559 1.96 -16.33 5.74
C ARG A 559 2.15 -15.81 4.32
N PHE A 560 3.16 -14.95 4.14
CA PHE A 560 3.40 -14.34 2.84
C PHE A 560 3.87 -15.34 1.82
N GLY A 561 4.73 -16.28 2.21
CA GLY A 561 5.22 -17.33 1.33
C GLY A 561 4.11 -18.20 0.79
N LEU A 562 3.14 -18.52 1.64
CA LEU A 562 1.98 -19.35 1.31
C LEU A 562 1.01 -18.62 0.36
N ILE A 563 0.78 -17.30 0.58
CA ILE A 563 -0.08 -16.53 -0.32
C ILE A 563 0.57 -16.46 -1.71
N MET A 564 1.89 -16.24 -1.76
CA MET A 564 2.59 -16.14 -3.01
C MET A 564 2.58 -17.44 -3.79
N GLU A 565 2.73 -18.60 -3.12
CA GLU A 565 2.68 -19.92 -3.76
C GLU A 565 1.28 -20.15 -4.38
N ALA A 566 0.21 -19.88 -3.59
CA ALA A 566 -1.18 -20.02 -4.03
C ALA A 566 -1.42 -19.16 -5.24
N TYR A 567 -0.94 -17.90 -5.25
CA TYR A 567 -1.09 -17.03 -6.42
C TYR A 567 -0.40 -17.65 -7.64
N CYS A 568 0.82 -18.19 -7.44
CA CYS A 568 1.59 -18.85 -8.48
C CYS A 568 0.86 -20.02 -9.11
N ARG A 569 0.11 -20.80 -8.32
CA ARG A 569 -0.73 -21.89 -8.85
C ARG A 569 -1.79 -21.33 -9.82
N GLY A 570 -2.30 -20.13 -9.54
CA GLY A 570 -3.30 -19.46 -10.36
C GLY A 570 -2.75 -18.85 -11.64
N SER A 571 -1.45 -18.53 -11.71
CA SER A 571 -0.84 -18.00 -12.95
C SER A 571 0.60 -18.36 -13.12
N THR A 572 0.81 -19.50 -13.74
CA THR A 572 2.07 -20.06 -14.09
C THR A 572 2.83 -19.11 -15.02
N HIS A 573 2.13 -18.54 -16.01
CA HIS A 573 2.75 -17.58 -16.92
C HIS A 573 3.26 -16.34 -16.15
N HIS A 574 2.42 -15.74 -15.28
CA HIS A 574 2.83 -14.59 -14.50
C HIS A 574 4.00 -14.86 -13.55
N MET A 575 4.07 -16.09 -12.99
CA MET A 575 5.19 -16.55 -12.14
C MET A 575 6.52 -16.40 -12.91
N LYS A 576 6.50 -16.79 -14.20
CA LYS A 576 7.65 -16.71 -15.10
C LYS A 576 8.03 -15.27 -15.44
N VAL A 577 7.03 -14.39 -15.55
CA VAL A 577 7.27 -12.97 -15.78
C VAL A 577 7.93 -12.37 -14.52
N LEU A 578 7.44 -12.73 -13.33
CA LEU A 578 7.98 -12.28 -12.04
C LEU A 578 9.42 -12.79 -11.78
N MET A 579 9.75 -14.03 -12.25
CA MET A 579 11.11 -14.60 -12.15
C MET A 579 12.06 -13.76 -12.94
N LYS A 580 11.67 -13.38 -14.15
CA LYS A 580 12.47 -12.52 -15.00
C LYS A 580 12.77 -11.15 -14.27
N GLN A 581 11.82 -10.63 -13.49
CA GLN A 581 12.04 -9.42 -12.69
C GLN A 581 13.03 -9.67 -11.52
N GLY A 582 12.82 -10.75 -10.78
CA GLY A 582 13.72 -11.14 -9.70
C GLY A 582 15.14 -11.42 -10.15
N GLU A 583 15.32 -11.91 -11.39
CA GLU A 583 16.64 -12.17 -12.02
C GLU A 583 17.34 -10.85 -12.23
N ALA A 584 16.59 -9.85 -12.75
CA ALA A 584 17.14 -8.53 -12.97
C ALA A 584 17.52 -7.89 -11.65
N LEU A 585 16.68 -7.99 -10.65
CA LEU A 585 16.93 -7.44 -9.31
C LEU A 585 18.12 -8.09 -8.65
N SER A 586 18.31 -9.40 -8.89
CA SER A 586 19.43 -10.17 -8.36
C SER A 586 20.73 -9.65 -8.95
N LYS A 587 20.76 -9.45 -10.27
CA LYS A 587 21.93 -8.88 -10.95
C LYS A 587 22.18 -7.43 -10.52
N LEU A 588 21.11 -6.65 -10.32
CA LEU A 588 21.25 -5.26 -9.88
C LEU A 588 21.93 -5.22 -8.47
N LYS A 589 21.59 -6.15 -7.59
CA LYS A 589 22.21 -6.24 -6.26
C LYS A 589 23.75 -6.50 -6.39
N ALA A 590 24.14 -7.46 -7.27
CA ALA A 590 25.54 -7.75 -7.47
C ALA A 590 26.25 -6.55 -8.07
N LEU A 591 25.60 -5.84 -9.01
CA LEU A 591 26.14 -4.65 -9.64
C LEU A 591 26.29 -3.52 -8.62
N ASN A 592 25.29 -3.32 -7.73
CA ASN A 592 25.37 -2.26 -6.72
C ASN A 592 26.48 -2.53 -5.69
N ASP A 593 26.69 -3.82 -5.36
CA ASP A 593 27.77 -4.24 -4.45
C ASP A 593 29.11 -3.92 -5.09
N PHE A 594 29.25 -4.24 -6.38
CA PHE A 594 30.45 -3.94 -7.13
C PHE A 594 30.74 -2.42 -7.13
N VAL A 595 29.67 -1.60 -7.29
CA VAL A 595 29.76 -0.13 -7.32
C VAL A 595 30.15 0.43 -5.93
N LYS A 596 29.52 -0.06 -4.86
CA LYS A 596 29.83 0.40 -3.51
C LYS A 596 31.32 0.17 -3.13
N VAL A 597 31.90 -0.96 -3.57
CA VAL A 597 33.30 -1.27 -3.28
C VAL A 597 34.22 -0.44 -4.16
N SER A 598 33.99 -0.46 -5.48
CA SER A 598 34.81 0.26 -6.43
C SER A 598 34.81 1.78 -6.19
N SER A 599 33.71 2.33 -5.66
CA SER A 599 33.60 3.76 -5.40
C SER A 599 34.50 4.26 -4.26
N GLN A 600 34.98 3.32 -3.41
CA GLN A 600 35.85 3.64 -2.27
C GLN A 600 37.34 3.65 -2.64
N LYS A 601 37.69 3.11 -3.80
CA LYS A 601 39.08 2.98 -4.21
C LYS A 601 39.41 3.88 -5.39
N THR A 602 38.54 3.92 -6.39
CA THR A 602 38.81 4.68 -7.59
C THR A 602 37.81 5.87 -7.73
N THR A 603 37.98 6.70 -8.77
CA THR A 603 37.13 7.86 -8.98
C THR A 603 35.77 7.46 -9.56
N LYS A 604 34.78 8.38 -9.50
CA LYS A 604 33.45 8.18 -10.04
C LYS A 604 33.51 7.80 -11.55
N PRO A 605 34.29 8.48 -12.41
CA PRO A 605 34.32 8.07 -13.84
C PRO A 605 34.95 6.68 -14.08
N GLN A 606 35.76 6.22 -13.14
CA GLN A 606 36.38 4.91 -13.26
C GLN A 606 35.41 3.85 -12.81
N THR A 607 34.74 4.07 -11.66
CA THR A 607 33.70 3.16 -11.15
C THR A 607 32.55 3.04 -12.15
N LYS A 608 32.20 4.14 -12.82
CA LYS A 608 31.14 4.18 -13.83
C LYS A 608 31.54 3.38 -15.07
N GLU A 609 32.79 3.49 -15.51
CA GLU A 609 33.28 2.70 -16.63
C GLU A 609 33.35 1.20 -16.26
N MET A 610 33.67 0.88 -15.01
CA MET A 610 33.70 -0.48 -14.50
C MET A 610 32.27 -1.04 -14.43
N MET A 611 31.30 -0.20 -14.01
CA MET A 611 29.88 -0.55 -13.93
C MET A 611 29.39 -0.90 -15.34
N HIS A 612 29.72 -0.07 -16.32
CA HIS A 612 29.36 -0.29 -17.71
C HIS A 612 29.89 -1.56 -18.25
N MET A 613 31.18 -1.90 -17.92
CA MET A 613 31.81 -3.15 -18.34
C MET A 613 31.10 -4.33 -17.73
N CYS A 614 30.83 -4.30 -16.42
CA CYS A 614 30.10 -5.39 -15.77
C CYS A 614 28.69 -5.55 -16.41
N MET A 615 28.03 -4.42 -16.78
CA MET A 615 26.72 -4.44 -17.44
C MET A 615 26.78 -5.01 -18.85
N ARG A 616 27.90 -4.81 -19.54
CA ARG A 616 28.06 -5.32 -20.92
C ARG A 616 28.35 -6.83 -20.98
N GLN A 617 28.46 -7.52 -19.83
CA GLN A 617 28.63 -8.96 -19.81
C GLN A 617 27.31 -9.59 -20.26
N GLU A 618 27.41 -10.75 -20.98
CA GLU A 618 26.23 -11.46 -21.49
C GLU A 618 25.18 -11.77 -20.41
N THR A 619 25.61 -12.19 -19.21
CA THR A 619 24.64 -12.49 -18.14
C THR A 619 23.86 -11.29 -17.70
N TYR A 620 24.50 -10.12 -17.69
CA TYR A 620 23.84 -8.89 -17.32
C TYR A 620 22.96 -8.40 -18.42
N MET A 621 23.42 -8.43 -19.69
CA MET A 621 22.62 -7.95 -20.80
C MET A 621 21.30 -8.71 -20.94
N GLU A 622 21.34 -10.03 -20.72
CA GLU A 622 20.15 -10.86 -20.76
C GLU A 622 19.24 -10.64 -19.57
N ALA A 623 19.81 -10.71 -18.33
CA ALA A 623 19.01 -10.55 -17.14
C ALA A 623 18.33 -9.17 -17.08
N LEU A 624 19.05 -8.10 -17.45
CA LEU A 624 18.52 -6.75 -17.38
C LEU A 624 17.69 -6.29 -18.58
N SER A 625 17.56 -7.05 -19.67
CA SER A 625 16.80 -6.60 -20.83
C SER A 625 15.43 -7.28 -20.98
N HIS A 626 14.52 -6.66 -21.74
CA HIS A 626 13.23 -7.24 -22.10
C HIS A 626 12.44 -7.76 -20.92
N LEU A 627 12.17 -6.89 -19.97
CA LEU A 627 11.36 -7.26 -18.80
C LEU A 627 10.27 -6.22 -18.52
N GLN A 628 9.24 -6.65 -17.81
CA GLN A 628 8.21 -5.74 -17.36
C GLN A 628 8.77 -5.08 -16.13
N SER A 629 8.52 -3.80 -15.96
CA SER A 629 9.01 -3.09 -14.81
C SER A 629 8.29 -3.45 -13.52
N PRO A 630 9.03 -3.80 -12.45
CA PRO A 630 8.36 -4.05 -11.14
C PRO A 630 7.57 -2.79 -10.67
N LEU A 631 8.06 -1.59 -11.00
CA LEU A 631 7.37 -0.35 -10.65
C LEU A 631 6.01 -0.19 -11.36
N ASP A 632 5.83 -0.88 -12.49
CA ASP A 632 4.66 -0.69 -13.31
C ASP A 632 4.70 -1.73 -14.40
N PRO A 633 3.86 -2.77 -14.29
CA PRO A 633 3.86 -3.82 -15.32
C PRO A 633 3.46 -3.34 -16.74
N SER A 634 2.84 -2.17 -16.85
CA SER A 634 2.54 -1.56 -18.16
C SER A 634 3.76 -1.04 -18.87
N THR A 635 4.80 -0.69 -18.11
CA THR A 635 6.04 -0.20 -18.65
C THR A 635 6.94 -1.39 -18.94
N LEU A 636 7.39 -1.45 -20.17
CA LEU A 636 8.31 -2.44 -20.69
C LEU A 636 9.71 -1.88 -20.70
N LEU A 637 10.63 -2.53 -19.99
CA LEU A 637 12.04 -2.14 -19.96
C LEU A 637 12.72 -2.98 -21.01
N GLU A 638 12.99 -2.43 -22.21
CA GLU A 638 13.54 -3.25 -23.29
C GLU A 638 15.08 -3.30 -23.39
N GLU A 639 15.71 -2.38 -24.13
CA GLU A 639 17.14 -2.40 -24.31
C GLU A 639 17.73 -1.51 -23.27
N VAL A 640 18.61 -2.06 -22.42
CA VAL A 640 19.32 -1.26 -21.43
C VAL A 640 20.34 -0.41 -22.16
N CYS A 641 20.31 0.91 -21.94
CA CYS A 641 21.26 1.85 -22.54
C CYS A 641 22.37 2.03 -21.56
N VAL A 642 23.32 1.07 -21.58
CA VAL A 642 24.50 1.00 -20.72
C VAL A 642 25.22 2.34 -20.63
N GLU A 643 25.44 3.00 -21.74
CA GLU A 643 26.14 4.28 -21.78
C GLU A 643 25.49 5.36 -20.95
N GLN A 644 24.16 5.33 -20.88
CA GLN A 644 23.40 6.29 -20.10
C GLN A 644 23.28 5.88 -18.60
N CYS A 645 23.69 4.66 -18.23
CA CYS A 645 23.60 4.21 -16.84
C CYS A 645 24.65 4.86 -15.96
N THR A 646 24.30 5.10 -14.70
CA THR A 646 25.20 5.77 -13.76
C THR A 646 24.79 5.44 -12.31
N PHE A 647 25.30 6.16 -11.31
CA PHE A 647 24.95 5.95 -9.92
C PHE A 647 25.11 7.26 -9.17
N MET A 648 24.39 7.43 -8.06
CA MET A 648 24.50 8.66 -7.28
C MET A 648 25.60 8.54 -6.24
N ASP A 649 26.19 9.68 -5.85
CA ASP A 649 27.29 9.76 -4.89
C ASP A 649 26.85 9.70 -3.43
N SER A 650 25.56 9.39 -3.14
CA SER A 650 25.11 9.24 -1.76
C SER A 650 25.66 7.91 -1.20
N LYS A 651 25.60 7.73 0.11
CA LYS A 651 26.19 6.57 0.78
C LYS A 651 25.89 5.22 0.13
N MET A 652 24.64 4.98 -0.24
CA MET A 652 24.27 3.67 -0.80
C MET A 652 24.52 3.51 -2.29
N LYS A 653 25.02 4.59 -2.96
CA LYS A 653 25.37 4.56 -4.38
C LYS A 653 24.24 3.97 -5.24
N PRO A 654 23.01 4.56 -5.22
CA PRO A 654 21.92 3.97 -6.01
C PRO A 654 22.23 3.96 -7.49
N LEU A 655 21.84 2.89 -8.19
CA LEU A 655 22.10 2.80 -9.63
C LEU A 655 20.95 3.41 -10.46
N TRP A 656 21.29 4.18 -11.46
CA TRP A 656 20.34 4.77 -12.38
C TRP A 656 20.44 3.98 -13.67
N ILE A 657 19.47 3.09 -13.91
CA ILE A 657 19.47 2.21 -15.07
C ILE A 657 18.53 2.74 -16.12
N MET A 658 19.08 3.05 -17.29
CA MET A 658 18.38 3.63 -18.41
C MET A 658 18.02 2.60 -19.47
N TYR A 659 16.87 2.81 -20.11
CA TYR A 659 16.30 1.92 -21.11
C TYR A 659 15.74 2.66 -22.29
N SER A 660 15.64 1.96 -23.42
CA SER A 660 15.01 2.43 -24.63
C SER A 660 14.33 1.26 -25.35
N SER A 661 13.40 1.59 -26.24
CA SER A 661 12.65 0.64 -27.03
C SER A 661 12.32 1.31 -28.36
N GLU A 662 12.78 0.74 -29.50
CA GLU A 662 12.48 1.25 -30.86
C GLU A 662 10.94 1.26 -31.04
N GLU A 663 10.28 0.12 -30.71
CA GLU A 663 8.83 -0.10 -30.78
C GLU A 663 8.02 1.00 -30.09
N ALA A 664 8.41 1.41 -28.89
CA ALA A 664 7.69 2.45 -28.15
C ALA A 664 8.08 3.88 -28.49
N GLY A 665 9.09 4.08 -29.32
CA GLY A 665 9.59 5.41 -29.66
C GLY A 665 10.10 6.14 -28.43
N SER A 666 9.76 7.42 -28.29
CA SER A 666 10.16 8.24 -27.13
C SER A 666 9.60 7.78 -25.80
N ALA A 667 8.42 7.16 -25.81
CA ALA A 667 7.82 6.66 -24.58
C ALA A 667 8.55 5.41 -24.00
N GLY A 668 9.38 4.76 -24.82
CA GLY A 668 10.16 3.63 -24.35
C GLY A 668 11.44 4.04 -23.63
N ASN A 669 11.73 5.37 -23.60
CA ASN A 669 12.90 5.90 -22.92
C ASN A 669 12.52 6.07 -21.47
N VAL A 670 12.89 5.10 -20.66
CA VAL A 670 12.52 5.10 -19.25
C VAL A 670 13.73 4.79 -18.39
N GLY A 671 13.64 5.14 -17.12
CA GLY A 671 14.71 4.86 -16.18
C GLY A 671 14.16 4.29 -14.89
N ILE A 672 14.95 3.45 -14.25
CA ILE A 672 14.65 2.88 -12.95
C ILE A 672 15.88 3.11 -12.06
N ILE A 673 15.67 3.26 -10.76
CA ILE A 673 16.77 3.43 -9.82
C ILE A 673 16.74 2.24 -8.92
N PHE A 674 17.85 1.49 -8.87
CA PHE A 674 17.97 0.36 -7.98
C PHE A 674 18.65 0.87 -6.72
N LYS A 675 18.02 0.64 -5.59
CA LYS A 675 18.52 1.13 -4.32
C LYS A 675 18.62 0.03 -3.28
N ASN A 676 19.81 -0.12 -2.71
CA ASN A 676 20.06 -1.12 -1.70
C ASN A 676 20.79 -0.52 -0.46
N GLY A 677 20.20 -0.69 0.71
CA GLY A 677 20.79 -0.18 1.95
C GLY A 677 19.83 0.64 2.77
N ASP A 678 18.84 1.28 2.08
CA ASP A 678 17.82 2.06 2.75
C ASP A 678 16.48 1.35 2.72
N ASP A 679 15.65 1.59 3.72
CA ASP A 679 14.32 1.05 3.80
C ASP A 679 13.45 1.98 2.95
N LEU A 680 12.73 1.44 1.92
CA LEU A 680 11.94 2.27 1.00
C LEU A 680 10.45 2.35 1.29
N ARG A 681 9.98 1.68 2.36
CA ARG A 681 8.57 1.63 2.73
C ARG A 681 7.97 2.98 3.06
N GLN A 682 8.68 3.84 3.79
CA GLN A 682 8.16 5.16 4.10
C GLN A 682 8.05 6.01 2.82
N ASP A 683 9.00 5.86 1.89
CA ASP A 683 8.96 6.62 0.62
C ASP A 683 7.78 6.21 -0.15
N MET A 684 7.54 4.89 -0.25
CA MET A 684 6.40 4.36 -0.95
C MET A 684 5.09 4.88 -0.33
N LEU A 685 4.96 4.82 1.04
CA LEU A 685 3.73 5.25 1.70
C LEU A 685 3.47 6.74 1.42
N THR A 686 4.48 7.59 1.60
CA THR A 686 4.36 9.02 1.34
C THR A 686 3.97 9.30 -0.09
N LEU A 687 4.66 8.68 -1.05
CA LEU A 687 4.32 8.84 -2.45
C LEU A 687 2.90 8.34 -2.79
N GLN A 688 2.43 7.24 -2.14
CA GLN A 688 1.05 6.77 -2.36
C GLN A 688 0.04 7.77 -1.80
N MET A 689 0.37 8.41 -0.66
CA MET A 689 -0.48 9.45 -0.07
C MET A 689 -0.57 10.70 -0.94
N ILE A 690 0.52 11.12 -1.55
CA ILE A 690 0.54 12.25 -2.48
C ILE A 690 -0.26 11.92 -3.73
N GLN A 691 -0.16 10.68 -4.23
CA GLN A 691 -0.95 10.23 -5.38
C GLN A 691 -2.44 10.21 -5.03
N LEU A 692 -2.79 9.75 -3.81
CA LEU A 692 -4.18 9.78 -3.35
C LEU A 692 -4.68 11.25 -3.32
N MET A 693 -3.84 12.19 -2.84
CA MET A 693 -4.20 13.61 -2.85
C MET A 693 -4.50 14.09 -4.27
N ASP A 694 -3.63 13.74 -5.21
CA ASP A 694 -3.77 14.10 -6.61
C ASP A 694 -5.09 13.56 -7.18
N VAL A 695 -5.48 12.31 -6.86
CA VAL A 695 -6.75 11.72 -7.30
C VAL A 695 -7.94 12.51 -6.72
N LEU A 696 -7.90 12.80 -5.41
CA LEU A 696 -8.97 13.57 -4.74
C LEU A 696 -9.09 14.95 -5.31
N TRP A 697 -7.96 15.61 -5.59
CA TRP A 697 -7.98 16.93 -6.19
C TRP A 697 -8.58 16.83 -7.61
N LYS A 698 -8.13 15.88 -8.43
CA LYS A 698 -8.66 15.73 -9.79
C LYS A 698 -10.15 15.37 -9.85
N GLN A 699 -10.63 14.64 -8.84
CA GLN A 699 -12.04 14.31 -8.72
C GLN A 699 -12.88 15.57 -8.53
N GLU A 700 -12.30 16.67 -7.99
CA GLU A 700 -12.94 18.00 -7.81
C GLU A 700 -12.57 18.96 -8.91
N GLY A 701 -12.08 18.46 -10.03
CA GLY A 701 -11.69 19.29 -11.16
C GLY A 701 -10.38 20.02 -10.98
N LEU A 702 -9.60 19.73 -9.91
CA LEU A 702 -8.36 20.43 -9.64
C LEU A 702 -7.09 19.60 -9.99
N ASP A 703 -6.37 19.99 -11.05
CA ASP A 703 -5.14 19.31 -11.43
C ASP A 703 -3.93 20.14 -10.97
N LEU A 704 -3.23 19.70 -9.89
CA LEU A 704 -2.07 20.43 -9.39
C LEU A 704 -0.76 19.98 -10.02
N ARG A 705 -0.81 19.19 -11.12
CA ARG A 705 0.40 18.86 -11.89
C ARG A 705 1.47 18.22 -11.02
N MET A 706 1.02 17.24 -10.22
CA MET A 706 1.86 16.50 -9.29
C MET A 706 2.71 15.47 -10.01
N THR A 707 3.78 14.95 -9.34
CA THR A 707 4.66 13.96 -9.93
C THR A 707 4.79 12.83 -8.94
N PRO A 708 3.72 12.02 -8.82
CA PRO A 708 3.80 10.88 -7.88
C PRO A 708 4.50 9.71 -8.60
N TYR A 709 5.82 9.73 -8.61
CA TYR A 709 6.60 8.70 -9.31
C TYR A 709 6.60 7.39 -8.51
N GLY A 710 6.78 6.28 -9.22
CA GLY A 710 6.82 4.98 -8.58
C GLY A 710 7.98 4.79 -7.60
N CYS A 711 7.69 4.00 -6.57
CA CYS A 711 8.65 3.61 -5.54
C CYS A 711 8.16 2.27 -4.99
N LEU A 712 8.98 1.25 -5.08
CA LEU A 712 8.57 -0.09 -4.69
C LEU A 712 9.65 -0.88 -4.01
N PRO A 713 9.51 -1.16 -2.71
CA PRO A 713 10.41 -2.08 -2.03
C PRO A 713 10.21 -3.47 -2.65
N THR A 714 11.29 -4.14 -2.91
CA THR A 714 11.29 -5.47 -3.52
C THR A 714 11.93 -6.52 -2.64
N GLY A 715 12.77 -6.11 -1.70
CA GLY A 715 13.47 -7.01 -0.80
C GLY A 715 13.95 -6.29 0.44
N ASP A 716 14.83 -6.94 1.20
CA ASP A 716 15.39 -6.41 2.45
C ASP A 716 16.18 -5.16 2.16
N ARG A 717 15.71 -3.98 2.61
CA ARG A 717 16.36 -2.69 2.35
C ARG A 717 16.72 -2.52 0.86
N THR A 718 15.82 -2.98 0.01
CA THR A 718 16.03 -2.97 -1.43
C THR A 718 14.72 -2.62 -2.13
N GLY A 719 14.83 -1.91 -3.23
CA GLY A 719 13.68 -1.51 -4.01
C GLY A 719 14.05 -0.71 -5.22
N LEU A 720 13.03 -0.29 -5.96
CA LEU A 720 13.15 0.47 -7.18
C LEU A 720 12.42 1.80 -7.04
N ILE A 721 12.91 2.81 -7.74
CA ILE A 721 12.29 4.14 -7.79
C ILE A 721 12.22 4.49 -9.26
N GLU A 722 11.11 5.06 -9.71
CA GLU A 722 10.98 5.45 -11.12
C GLU A 722 11.74 6.73 -11.40
N VAL A 723 12.55 6.76 -12.46
CA VAL A 723 13.24 7.98 -12.85
C VAL A 723 12.25 8.92 -13.56
N VAL A 724 12.27 10.20 -13.16
CA VAL A 724 11.52 11.20 -13.87
C VAL A 724 12.60 11.90 -14.76
N LEU A 725 12.55 11.63 -16.06
CA LEU A 725 13.52 12.21 -16.98
C LEU A 725 13.28 13.68 -17.15
N HIS A 726 14.30 14.43 -17.63
CA HIS A 726 14.15 15.87 -17.85
C HIS A 726 13.85 16.58 -16.53
N SER A 727 14.51 16.15 -15.46
CA SER A 727 14.37 16.78 -14.17
C SER A 727 15.71 17.02 -13.53
N ASP A 728 15.78 18.08 -12.74
CA ASP A 728 17.03 18.39 -12.02
C ASP A 728 16.72 18.89 -10.61
N THR A 729 17.66 18.80 -9.68
CA THR A 729 17.40 19.27 -8.32
C THR A 729 17.51 20.80 -8.34
N ILE A 730 16.83 21.46 -7.37
CA ILE A 730 16.94 22.90 -7.17
C ILE A 730 18.42 23.28 -6.92
N ALA A 731 19.17 22.43 -6.18
CA ALA A 731 20.61 22.64 -5.88
C ALA A 731 21.45 22.68 -7.15
N ASN A 732 21.25 21.75 -8.09
CA ASN A 732 22.01 21.77 -9.35
C ASN A 732 21.69 23.00 -10.15
N ILE A 733 20.41 23.37 -10.23
CA ILE A 733 20.00 24.55 -10.96
C ILE A 733 20.58 25.81 -10.32
N GLN A 734 20.54 25.90 -8.99
CA GLN A 734 21.09 27.04 -8.24
C GLN A 734 22.58 27.09 -8.18
N LEU A 735 23.31 26.07 -8.65
CA LEU A 735 24.77 26.14 -8.69
C LEU A 735 25.25 27.30 -9.55
N ASN A 736 24.41 27.77 -10.50
CA ASN A 736 24.68 28.96 -11.31
C ASN A 736 26.03 28.87 -12.01
N LYS A 737 26.30 27.73 -12.64
CA LYS A 737 27.55 27.53 -13.35
C LYS A 737 27.67 28.52 -14.52
N SER A 738 28.90 28.86 -14.89
CA SER A 738 29.13 29.75 -16.01
C SER A 738 29.01 28.96 -17.33
N ASN A 739 28.85 29.67 -18.47
CA ASN A 739 28.76 29.06 -19.80
C ASN A 739 27.54 28.15 -19.95
N MET A 740 26.41 28.59 -19.39
CA MET A 740 25.16 27.85 -19.52
C MET A 740 24.04 28.79 -20.04
N ALA A 741 22.88 28.24 -20.45
CA ALA A 741 21.79 29.05 -20.99
C ALA A 741 20.98 29.83 -19.93
N THR A 743 23.05 31.26 -16.14
CA THR A 743 23.97 32.33 -15.78
C THR A 743 23.18 33.59 -15.33
N ALA A 744 22.93 33.67 -14.01
CA ALA A 744 22.13 34.75 -13.46
C ALA A 744 22.96 35.87 -12.81
N ALA A 745 22.43 37.08 -12.86
CA ALA A 745 23.03 38.27 -12.24
C ALA A 745 22.85 38.17 -10.71
N PHE A 746 21.68 37.63 -10.27
CA PHE A 746 21.25 37.38 -8.90
C PHE A 746 20.84 35.93 -8.81
N ASN A 747 21.31 35.18 -7.78
CA ASN A 747 20.95 33.77 -7.62
C ASN A 747 19.43 33.54 -7.62
N LYS A 748 18.63 34.56 -7.24
CA LYS A 748 17.18 34.49 -7.26
C LYS A 748 16.62 34.29 -8.68
N ASP A 749 17.38 34.73 -9.72
CA ASP A 749 16.98 34.62 -11.12
C ASP A 749 17.24 33.21 -11.69
N ALA A 750 18.11 32.38 -11.05
CA ALA A 750 18.55 31.07 -11.54
C ALA A 750 17.44 30.10 -11.96
N LEU A 751 16.42 29.81 -11.11
CA LEU A 751 15.36 28.86 -11.49
C LEU A 751 14.59 29.39 -12.69
N LEU A 752 14.23 30.68 -12.67
CA LEU A 752 13.48 31.29 -13.75
C LEU A 752 14.30 31.32 -15.06
N ASN A 753 15.60 31.55 -14.99
CA ASN A 753 16.44 31.52 -16.18
C ASN A 753 16.50 30.12 -16.76
N TRP A 754 16.58 29.11 -15.89
CA TRP A 754 16.61 27.72 -16.28
C TRP A 754 15.25 27.36 -16.95
N LEU A 755 14.13 27.84 -16.39
CA LEU A 755 12.82 27.61 -17.00
C LEU A 755 12.74 28.27 -18.38
N LYS A 756 13.27 29.49 -18.53
CA LYS A 756 13.32 30.23 -19.77
C LYS A 756 14.12 29.47 -20.84
N SER A 757 15.28 28.92 -20.50
CA SER A 757 16.09 28.15 -21.43
C SER A 757 15.37 26.88 -21.90
N LYS A 758 14.57 26.25 -21.03
CA LYS A 758 13.84 25.03 -21.39
C LYS A 758 12.52 25.31 -22.09
N ASN A 759 11.94 26.52 -21.89
CA ASN A 759 10.63 26.86 -22.42
C ASN A 759 10.67 28.24 -23.07
N PRO A 760 11.27 28.31 -24.27
CA PRO A 760 11.39 29.62 -24.94
C PRO A 760 10.10 30.23 -25.47
N GLY A 761 10.11 31.56 -25.60
CA GLY A 761 8.99 32.32 -26.12
C GLY A 761 7.73 32.17 -25.31
N GLU A 762 6.61 31.86 -25.98
CA GLU A 762 5.31 31.72 -25.33
C GLU A 762 5.18 30.49 -24.44
N ALA A 763 6.14 29.54 -24.50
CA ALA A 763 6.10 28.36 -23.62
C ALA A 763 6.45 28.67 -22.17
N LEU A 764 7.08 29.83 -21.89
CA LEU A 764 7.47 30.20 -20.53
C LEU A 764 6.26 30.32 -19.61
N ASP A 765 5.18 30.92 -20.12
CA ASP A 765 3.93 31.11 -19.39
C ASP A 765 3.30 29.84 -18.88
N ARG A 766 3.32 28.78 -19.68
CA ARG A 766 2.78 27.49 -19.28
C ARG A 766 3.70 26.86 -18.22
N ALA A 767 5.05 26.98 -18.39
CA ALA A 767 6.01 26.45 -17.45
C ALA A 767 5.86 27.08 -16.05
N ILE A 768 5.66 28.42 -16.00
CA ILE A 768 5.39 29.15 -14.74
C ILE A 768 4.08 28.71 -14.09
N GLU A 769 3.05 28.47 -14.91
CA GLU A 769 1.79 27.97 -14.38
C GLU A 769 1.91 26.54 -13.83
N GLU A 770 2.67 25.66 -14.52
CA GLU A 770 2.94 24.28 -14.08
C GLU A 770 3.69 24.32 -12.75
N PHE A 771 4.65 25.28 -12.61
CA PHE A 771 5.44 25.45 -11.41
C PHE A 771 4.55 25.83 -10.27
N THR A 772 3.64 26.79 -10.50
CA THR A 772 2.73 27.34 -9.51
C THR A 772 1.78 26.33 -8.97
N LEU A 773 1.13 25.55 -9.88
CA LEU A 773 0.20 24.52 -9.48
C LEU A 773 0.92 23.44 -8.65
N SER A 774 2.02 22.92 -9.15
CA SER A 774 2.76 21.85 -8.45
C SER A 774 3.36 22.34 -7.14
N CYS A 775 3.85 23.57 -7.10
CA CYS A 775 4.31 24.16 -5.85
C CYS A 775 3.21 24.23 -4.78
N ALA A 776 1.99 24.64 -5.16
CA ALA A 776 0.87 24.67 -4.26
C ALA A 776 0.51 23.25 -3.81
N GLY A 777 0.52 22.29 -4.73
CA GLY A 777 0.24 20.91 -4.36
C GLY A 777 1.26 20.35 -3.38
N TYR A 778 2.57 20.59 -3.60
CA TYR A 778 3.60 20.04 -2.70
C TYR A 778 3.65 20.82 -1.39
N CYS A 779 3.32 22.11 -1.37
CA CYS A 779 3.28 22.91 -0.13
C CYS A 779 2.20 22.33 0.79
N VAL A 780 1.03 22.03 0.21
CA VAL A 780 -0.08 21.44 0.96
C VAL A 780 0.23 20.00 1.38
N ALA A 781 0.71 19.15 0.44
CA ALA A 781 1.08 17.76 0.73
C ALA A 781 2.16 17.66 1.83
N THR A 782 3.25 18.44 1.73
CA THR A 782 4.31 18.34 2.73
C THR A 782 3.86 18.84 4.09
N TYR A 783 2.98 19.85 4.10
CA TYR A 783 2.44 20.37 5.34
C TYR A 783 1.50 19.36 6.00
N VAL A 784 0.52 18.81 5.26
CA VAL A 784 -0.45 17.84 5.78
C VAL A 784 0.30 16.61 6.31
N LEU A 785 1.28 16.13 5.53
CA LEU A 785 2.02 14.94 5.93
C LEU A 785 3.16 15.18 6.88
N GLY A 786 3.52 16.43 7.18
CA GLY A 786 4.63 16.72 8.06
C GLY A 786 6.00 16.32 7.52
N ILE A 787 6.22 16.50 6.21
CA ILE A 787 7.50 16.17 5.60
C ILE A 787 8.45 17.31 5.93
N GLY A 788 9.50 17.01 6.68
CA GLY A 788 10.49 18.00 7.04
C GLY A 788 11.81 17.72 6.35
N ASP A 789 12.88 18.42 6.79
CA ASP A 789 14.21 18.22 6.20
C ASP A 789 14.19 18.50 4.67
N ARG A 790 13.49 19.57 4.31
CA ARG A 790 13.36 19.98 2.94
C ARG A 790 14.47 20.94 2.58
N HIS A 791 15.26 20.59 1.59
CA HIS A 791 16.34 21.43 1.14
C HIS A 791 16.49 21.36 -0.39
N SER A 792 17.33 22.21 -0.98
CA SER A 792 17.54 22.25 -2.42
C SER A 792 17.99 20.91 -3.03
N ASP A 793 18.55 20.01 -2.22
CA ASP A 793 19.01 18.74 -2.71
C ASP A 793 17.86 17.70 -2.80
N ASN A 794 16.68 17.94 -2.19
CA ASN A 794 15.58 16.97 -2.30
C ASN A 794 14.29 17.57 -2.90
N ILE A 795 14.43 18.70 -3.59
CA ILE A 795 13.33 19.32 -4.31
C ILE A 795 13.81 19.36 -5.78
N MET A 796 12.99 18.84 -6.69
CA MET A 796 13.33 18.79 -8.10
C MET A 796 12.38 19.55 -8.99
N ILE A 797 12.83 19.87 -10.19
CA ILE A 797 12.00 20.52 -11.15
C ILE A 797 12.17 19.86 -12.49
N ARG A 798 11.04 19.67 -13.15
CA ARG A 798 10.99 19.13 -14.49
C ARG A 798 11.18 20.24 -15.49
N GLU A 799 11.62 19.89 -16.71
CA GLU A 799 11.79 20.92 -17.74
C GLU A 799 10.47 21.53 -18.15
N SER A 800 9.34 20.88 -17.85
CA SER A 800 8.00 21.37 -18.10
C SER A 800 7.60 22.52 -17.13
N GLY A 801 8.33 22.66 -16.01
CA GLY A 801 8.05 23.61 -14.95
C GLY A 801 7.54 22.96 -13.67
N GLN A 802 7.18 21.69 -13.72
CA GLN A 802 6.68 20.99 -12.54
C GLN A 802 7.70 20.76 -11.43
N LEU A 803 7.34 21.22 -10.24
CA LEU A 803 8.17 21.05 -9.07
C LEU A 803 7.71 19.79 -8.35
N PHE A 804 8.65 19.03 -7.76
CA PHE A 804 8.26 17.86 -6.98
C PHE A 804 9.29 17.58 -5.88
N HIS A 805 8.91 16.79 -4.88
CA HIS A 805 9.81 16.43 -3.81
C HIS A 805 10.29 14.97 -3.93
N ILE A 806 11.50 14.72 -3.47
CA ILE A 806 12.03 13.36 -3.41
C ILE A 806 12.51 13.08 -1.98
N ASP A 807 12.84 11.81 -1.65
CA ASP A 807 13.50 11.42 -0.41
C ASP A 807 12.69 11.71 0.82
N PHE A 808 11.69 10.88 1.06
CA PHE A 808 10.74 11.01 2.15
C PHE A 808 11.03 10.08 3.35
N GLY A 809 12.24 10.16 3.87
CA GLY A 809 12.64 9.37 5.03
C GLY A 809 12.08 9.89 6.35
N HIS A 810 11.53 11.11 6.37
CA HIS A 810 10.95 11.70 7.59
C HIS A 810 9.60 12.35 7.34
N PHE A 811 8.55 11.85 8.02
CA PHE A 811 7.19 12.38 7.91
C PHE A 811 6.49 12.46 9.30
N LEU A 812 5.26 13.02 9.33
CA LEU A 812 4.44 13.20 10.53
C LEU A 812 5.18 13.93 11.63
N GLY A 813 5.93 14.94 11.25
CA GLY A 813 6.67 15.75 12.23
C GLY A 813 8.14 15.46 12.34
N ASN A 814 8.52 14.16 12.40
CA ASN A 814 9.91 13.74 12.52
C ASN A 814 10.76 14.21 11.33
N ARG A 823 10.68 14.84 16.72
CA ARG A 823 9.23 14.88 16.54
C ARG A 823 8.65 16.28 16.84
N GLU A 824 8.73 17.20 15.86
CA GLU A 824 8.21 18.57 16.03
C GLU A 824 7.01 18.85 15.10
N ARG A 825 6.31 19.98 15.30
CA ARG A 825 5.18 20.33 14.43
C ARG A 825 5.70 21.17 13.25
N VAL A 826 5.92 20.49 12.10
CA VAL A 826 6.43 21.10 10.87
C VAL A 826 5.52 22.25 10.41
N PRO A 827 6.08 23.47 10.36
CA PRO A 827 5.28 24.61 9.90
C PRO A 827 5.03 24.55 8.40
N PHE A 828 4.09 25.37 7.91
CA PHE A 828 3.88 25.48 6.46
C PHE A 828 5.13 26.18 5.87
N ILE A 829 5.63 25.70 4.73
CA ILE A 829 6.84 26.26 4.12
C ILE A 829 6.55 27.04 2.83
N LEU A 830 7.22 28.21 2.67
CA LEU A 830 7.20 29.06 1.47
C LEU A 830 8.64 29.51 1.19
N THR A 831 9.20 29.19 0.01
CA THR A 831 10.56 29.58 -0.33
C THR A 831 10.55 30.78 -1.27
N TYR A 832 11.43 31.76 -1.02
CA TYR A 832 11.53 32.98 -1.80
C TYR A 832 11.87 32.74 -3.26
N ASP A 833 12.77 31.80 -3.51
CA ASP A 833 13.18 31.44 -4.87
C ASP A 833 11.98 30.91 -5.68
N PHE A 834 11.02 30.26 -5.00
CA PHE A 834 9.84 29.69 -5.62
C PHE A 834 8.77 30.78 -5.80
N VAL A 835 8.60 31.67 -4.77
CA VAL A 835 7.73 32.84 -4.81
C VAL A 835 8.13 33.75 -5.96
N HIS A 836 9.44 33.87 -6.21
CA HIS A 836 10.00 34.66 -7.29
C HIS A 836 9.54 34.14 -8.65
N VAL A 837 9.56 32.81 -8.87
CA VAL A 837 9.07 32.18 -10.12
C VAL A 837 7.54 32.39 -10.30
N ILE A 838 6.78 32.15 -9.21
CA ILE A 838 5.33 32.33 -9.18
C ILE A 838 4.96 33.74 -9.56
N GLN A 839 5.70 34.72 -9.01
CA GLN A 839 5.52 36.13 -9.28
C GLN A 839 6.13 36.60 -10.61
N GLN A 840 6.46 35.66 -11.53
CA GLN A 840 7.01 35.93 -12.87
C GLN A 840 8.30 36.77 -12.83
N GLY A 841 9.10 36.59 -11.79
CA GLY A 841 10.35 37.34 -11.63
C GLY A 841 10.21 38.73 -11.05
N LYS A 842 8.98 39.14 -10.72
CA LYS A 842 8.72 40.49 -10.19
C LYS A 842 8.76 40.51 -8.67
N THR A 843 9.15 41.67 -8.09
CA THR A 843 9.21 41.90 -6.65
C THR A 843 7.80 41.90 -6.05
N ASN A 844 6.87 42.53 -6.78
CA ASN A 844 5.51 42.61 -6.34
C ASN A 844 4.65 42.05 -7.44
N ASN A 845 3.83 41.06 -7.10
CA ASN A 845 2.93 40.47 -8.07
C ASN A 845 1.88 39.71 -7.29
N SER A 846 1.04 40.49 -6.58
CA SER A 846 -0.01 39.94 -5.75
C SER A 846 -1.08 39.20 -6.55
N GLU A 847 -1.22 39.53 -7.85
CA GLU A 847 -2.17 38.87 -8.71
C GLU A 847 -1.80 37.39 -8.86
N LYS A 848 -0.53 37.12 -9.23
CA LYS A 848 -0.07 35.76 -9.40
C LYS A 848 0.14 35.09 -8.04
N PHE A 849 0.62 35.84 -7.04
CA PHE A 849 0.86 35.26 -5.72
C PHE A 849 -0.44 34.80 -5.06
N GLU A 850 -1.48 35.61 -5.11
CA GLU A 850 -2.76 35.29 -4.51
C GLU A 850 -3.52 34.25 -5.30
N ARG A 851 -3.24 34.07 -6.62
CA ARG A 851 -3.81 32.90 -7.34
C ARG A 851 -3.21 31.63 -6.72
N PHE A 852 -1.91 31.67 -6.39
CA PHE A 852 -1.20 30.54 -5.79
C PHE A 852 -1.75 30.23 -4.39
N ARG A 853 -2.09 31.25 -3.61
CA ARG A 853 -2.65 31.07 -2.28
C ARG A 853 -4.06 30.39 -2.34
N GLY A 854 -4.86 30.73 -3.36
CA GLY A 854 -6.13 30.10 -3.60
C GLY A 854 -5.97 28.63 -4.00
N TYR A 855 -4.95 28.31 -4.80
CA TYR A 855 -4.66 26.90 -5.15
C TYR A 855 -4.33 26.12 -3.90
N CYS A 856 -3.55 26.69 -2.99
CA CYS A 856 -3.22 26.08 -1.71
C CYS A 856 -4.47 25.85 -0.86
N GLU A 857 -5.29 26.88 -0.64
CA GLU A 857 -6.51 26.74 0.17
C GLU A 857 -7.52 25.74 -0.39
N ARG A 858 -7.73 25.75 -1.72
CA ARG A 858 -8.63 24.83 -2.42
C ARG A 858 -8.14 23.38 -2.15
N ALA A 859 -6.81 23.11 -2.39
CA ALA A 859 -6.18 21.81 -2.20
C ALA A 859 -6.34 21.35 -0.77
N TYR A 860 -6.09 22.24 0.19
CA TYR A 860 -6.19 21.94 1.60
C TYR A 860 -7.63 21.58 2.00
N THR A 861 -8.61 22.39 1.57
CA THR A 861 -10.01 22.16 1.93
C THR A 861 -10.54 20.90 1.29
N ILE A 862 -10.09 20.55 0.07
CA ILE A 862 -10.47 19.28 -0.53
C ILE A 862 -9.95 18.08 0.32
N LEU A 863 -8.68 18.11 0.77
CA LEU A 863 -8.15 17.03 1.61
C LEU A 863 -8.86 16.91 2.95
N ARG A 864 -9.22 18.02 3.60
CA ARG A 864 -9.94 17.99 4.87
C ARG A 864 -11.26 17.21 4.74
N ARG A 865 -12.01 17.39 3.62
CA ARG A 865 -13.28 16.68 3.35
C ARG A 865 -13.08 15.16 3.31
N HIS A 866 -11.87 14.72 2.95
CA HIS A 866 -11.47 13.32 2.95
C HIS A 866 -10.58 12.95 4.11
N GLY A 867 -10.55 13.75 5.16
CA GLY A 867 -9.71 13.52 6.32
C GLY A 867 -9.84 12.16 6.94
N LEU A 868 -11.05 11.63 7.01
CA LEU A 868 -11.28 10.30 7.58
C LEU A 868 -10.65 9.22 6.75
N LEU A 869 -10.58 9.40 5.41
CA LEU A 869 -9.95 8.42 4.54
C LEU A 869 -8.46 8.33 4.86
N PHE A 870 -7.79 9.48 5.01
CA PHE A 870 -6.37 9.49 5.35
C PHE A 870 -6.15 8.87 6.72
N LEU A 871 -6.99 9.25 7.69
CA LEU A 871 -6.91 8.71 9.06
C LEU A 871 -7.07 7.19 9.10
N HIS A 872 -8.08 6.65 8.41
CA HIS A 872 -8.32 5.22 8.36
C HIS A 872 -7.18 4.47 7.71
N LEU A 873 -6.61 5.00 6.64
CA LEU A 873 -5.50 4.35 5.92
C LEU A 873 -4.25 4.35 6.76
N PHE A 874 -3.93 5.49 7.39
CA PHE A 874 -2.77 5.59 8.25
C PHE A 874 -2.93 4.68 9.49
N ALA A 875 -4.16 4.52 10.00
CA ALA A 875 -4.41 3.62 11.13
C ALA A 875 -4.11 2.19 10.72
N LEU A 876 -4.52 1.79 9.50
CA LEU A 876 -4.22 0.44 8.99
C LEU A 876 -2.73 0.22 8.82
N MET A 877 -1.98 1.30 8.49
CA MET A 877 -0.55 1.27 8.29
C MET A 877 0.25 1.13 9.56
N ARG A 878 -0.36 1.27 10.75
CA ARG A 878 0.35 1.05 12.02
C ARG A 878 0.90 -0.38 12.10
N ALA A 879 0.23 -1.34 11.39
CA ALA A 879 0.61 -2.75 11.28
C ALA A 879 1.94 -2.98 10.53
N ALA A 880 2.43 -1.96 9.79
CA ALA A 880 3.67 -2.07 9.03
C ALA A 880 4.93 -2.05 9.89
N GLY A 881 4.83 -1.52 11.11
CA GLY A 881 5.97 -1.39 12.01
C GLY A 881 6.95 -0.31 11.60
N LEU A 882 6.49 0.72 10.86
CA LEU A 882 7.37 1.83 10.46
C LEU A 882 7.62 2.69 11.70
N PRO A 883 8.89 2.99 12.02
CA PRO A 883 9.19 3.70 13.28
C PRO A 883 8.49 5.05 13.45
N GLU A 884 8.35 5.82 12.37
CA GLU A 884 7.65 7.10 12.44
C GLU A 884 6.11 6.97 12.35
N LEU A 885 5.57 5.74 12.40
CA LEU A 885 4.13 5.48 12.41
C LEU A 885 3.89 4.26 13.32
N SER A 886 4.15 4.44 14.62
CA SER A 886 4.05 3.34 15.58
C SER A 886 2.82 3.43 16.49
N CYS A 887 2.49 4.65 16.94
CA CYS A 887 1.41 4.88 17.90
C CYS A 887 0.39 5.96 17.46
N SER A 888 -0.62 6.24 18.33
CA SER A 888 -1.65 7.27 18.13
C SER A 888 -1.08 8.69 18.06
N LYS A 889 0.16 8.89 18.57
CA LYS A 889 0.84 10.19 18.52
C LYS A 889 1.15 10.59 17.08
N ASP A 890 1.44 9.62 16.21
CA ASP A 890 1.72 9.86 14.79
C ASP A 890 0.42 10.15 14.01
N ILE A 891 -0.69 9.50 14.38
CA ILE A 891 -2.00 9.74 13.78
C ILE A 891 -2.55 11.12 14.22
N GLN A 892 -2.19 11.56 15.45
CA GLN A 892 -2.57 12.86 15.98
C GLN A 892 -2.06 13.99 15.08
N TYR A 893 -0.86 13.82 14.55
CA TYR A 893 -0.24 14.76 13.66
C TYR A 893 -1.13 15.08 12.42
N LEU A 894 -1.74 14.03 11.83
CA LEU A 894 -2.63 14.17 10.70
C LEU A 894 -3.90 14.88 11.10
N LYS A 895 -4.43 14.59 12.30
CA LYS A 895 -5.64 15.24 12.80
C LYS A 895 -5.42 16.73 12.96
N ASP A 896 -4.25 17.11 13.49
CA ASP A 896 -3.90 18.51 13.69
C ASP A 896 -3.66 19.21 12.37
N SER A 897 -2.86 18.60 11.46
CA SER A 897 -2.60 19.23 10.16
C SER A 897 -3.89 19.36 9.33
N LEU A 898 -4.80 18.39 9.40
CA LEU A 898 -6.06 18.51 8.70
C LEU A 898 -7.12 19.31 9.48
N ALA A 899 -6.85 19.74 10.74
CA ALA A 899 -7.76 20.49 11.62
C ALA A 899 -9.15 19.85 11.64
N LEU A 900 -9.17 18.54 11.87
CA LEU A 900 -10.40 17.76 11.79
C LEU A 900 -11.41 18.03 12.91
N GLY A 901 -10.95 18.53 14.05
CA GLY A 901 -11.84 18.89 15.14
C GLY A 901 -12.59 20.20 14.91
N LYS A 902 -12.30 20.90 13.79
CA LYS A 902 -12.89 22.20 13.48
C LYS A 902 -13.91 22.20 12.33
N THR A 903 -14.61 23.31 12.15
CA THR A 903 -15.51 23.51 11.03
C THR A 903 -14.64 23.94 9.82
N GLU A 904 -15.21 24.00 8.59
CA GLU A 904 -14.42 24.43 7.44
C GLU A 904 -13.93 25.88 7.59
N GLU A 905 -14.75 26.77 8.16
CA GLU A 905 -14.34 28.16 8.35
C GLU A 905 -13.21 28.28 9.37
N GLU A 906 -13.33 27.54 10.49
CA GLU A 906 -12.28 27.58 11.51
C GLU A 906 -10.97 27.02 10.96
N ALA A 907 -11.03 25.88 10.24
CA ALA A 907 -9.83 25.27 9.67
C ALA A 907 -9.22 26.12 8.57
N LEU A 908 -10.04 26.83 7.81
CA LEU A 908 -9.54 27.71 6.77
C LEU A 908 -8.86 28.95 7.39
N LYS A 909 -9.40 29.44 8.53
CA LYS A 909 -8.85 30.54 9.31
C LYS A 909 -7.47 30.12 9.85
N HIS A 910 -7.38 28.90 10.40
CA HIS A 910 -6.16 28.32 10.95
C HIS A 910 -5.14 28.03 9.84
N PHE A 911 -5.60 27.60 8.65
CA PHE A 911 -4.70 27.36 7.54
C PHE A 911 -4.11 28.70 7.08
N ARG A 912 -4.97 29.75 6.99
CA ARG A 912 -4.56 31.10 6.61
C ARG A 912 -3.55 31.69 7.57
N VAL A 913 -3.73 31.43 8.89
CA VAL A 913 -2.78 31.90 9.91
C VAL A 913 -1.44 31.22 9.67
N LYS A 914 -1.45 29.90 9.42
CA LYS A 914 -0.23 29.11 9.15
C LYS A 914 0.46 29.53 7.84
N PHE A 915 -0.31 29.76 6.76
CA PHE A 915 0.23 30.20 5.47
C PHE A 915 0.83 31.60 5.63
N ASN A 916 0.13 32.50 6.34
CA ASN A 916 0.61 33.87 6.61
C ASN A 916 1.90 33.84 7.44
N GLU A 917 1.99 32.90 8.40
CA GLU A 917 3.19 32.70 9.21
C GLU A 917 4.36 32.28 8.32
N ALA A 918 4.08 31.38 7.36
CA ALA A 918 5.06 30.90 6.38
C ALA A 918 5.51 32.01 5.41
N LEU A 919 4.64 33.01 5.16
CA LEU A 919 4.94 34.13 4.28
C LEU A 919 5.89 35.12 4.98
N ARG A 920 5.62 35.42 6.26
CA ARG A 920 6.47 36.28 7.08
C ARG A 920 7.85 35.64 7.27
N GLU A 921 7.89 34.31 7.41
CA GLU A 921 9.15 33.57 7.54
C GLU A 921 9.91 33.60 6.19
N SER A 922 9.18 33.46 5.07
CA SER A 922 9.73 33.55 3.71
C SER A 922 10.34 34.93 3.45
N TRP A 923 9.70 35.98 3.99
CA TRP A 923 10.14 37.37 3.86
C TRP A 923 11.41 37.69 4.63
N LYS A 924 11.80 36.82 5.58
CA LYS A 924 13.07 36.97 6.27
C LYS A 924 14.27 36.69 5.32
N THR A 925 14.00 36.18 4.11
CA THR A 925 14.97 35.96 3.04
C THR A 925 14.84 37.12 2.02
N LYS A 926 13.60 37.55 1.71
CA LYS A 926 13.29 38.66 0.81
C LYS A 926 13.88 39.97 1.33
N VAL A 927 13.82 40.19 2.67
CA VAL A 927 14.37 41.38 3.35
C VAL A 927 15.90 41.43 3.12
N ASN A 928 16.57 40.27 3.23
CA ASN A 928 18.00 40.15 2.97
C ASN A 928 18.25 40.26 1.47
C10 7XH B . 14.67 10.06 -6.87
C13 7XH B . 16.42 9.06 -5.60
C20 7XH B . 19.25 11.66 -3.35
C22 7XH B . 19.54 12.99 -3.54
C26 7XH B . 19.15 11.45 -5.74
C28 7XH B . 19.61 13.47 -7.15
C01 7XH B . 15.20 8.49 -2.19
O05 7XH B . 16.01 8.41 -3.38
C06 7XH B . 15.53 8.98 -4.51
N07 7XH B . 14.28 9.37 -4.62
C08 7XH B . 13.85 9.86 -5.78
C11 7XH B . 15.99 9.61 -6.81
S14 7XH B . 18.12 8.53 -5.46
O15 7XH B . 18.76 8.69 -6.74
O16 7XH B . 18.13 7.25 -4.84
N17 7XH B . 18.79 9.49 -4.34
C19 7XH B . 19.04 10.88 -4.48
N24 7XH B . 19.67 13.56 -4.74
C25 7XH B . 19.43 12.80 -5.83
C29 7XH B . 20.74 14.25 -7.38
C31 7XH B . 20.96 14.83 -8.62
C33 7XH B . 20.06 14.67 -9.66
C34 7XH B . 20.28 15.33 -11.00
N37 7XH B . 20.19 14.39 -12.11
C38 7XH B . 20.48 15.05 -13.39
C41 7XH B . 20.26 14.10 -14.54
N44 7XH B . 21.05 12.84 -14.39
C45 7XH B . 20.87 12.24 -13.05
C48 7XH B . 21.09 13.25 -11.95
C51 7XH B . 20.76 11.88 -15.49
C53 7XH B . 21.55 10.58 -15.35
C57 7XH B . 21.00 12.51 -16.85
C61 7XH B . 18.92 13.89 -9.44
C63 7XH B . 18.73 13.31 -8.22
F64 7XH B . 17.60 12.60 -8.04
N65 7XH B . 14.13 10.59 -8.05
C66 7XH B . 15.03 11.05 -9.10
C69 7XH B . 14.27 11.75 -10.20
O72 7XH B . 13.18 10.95 -10.70
C73 7XH B . 12.27 10.67 -9.64
C76 7XH B . 12.93 9.86 -8.56
#